data_2B99
#
_entry.id   2B99
#
_cell.length_a   41.940
_cell.length_b   72.912
_cell.length_c   72.782
_cell.angle_alpha   68.50
_cell.angle_beta   74.39
_cell.angle_gamma   74.53
#
_symmetry.space_group_name_H-M   'P 1'
#
loop_
_entity.id
_entity.type
_entity.pdbx_description
1 polymer 'Riboflavin synthase'
2 non-polymer 6,7-DIOXO-5H-8-RIBITYLAMINOLUMAZINE
3 water water
#
_entity_poly.entity_id   1
_entity_poly.type   'polypeptide(L)'
_entity_poly.pdbx_seq_one_letter_code
;MTKKVGIVDTTFARVDMASIAIKKLKELSPNIKIIRKTVPGIKDLPVACKKLLEEEGCDIVMALGMPGKAEKDKVCAHEA
SLGLMLAQLMTNKHIIEVFVHEDEAKDDKELDWLAKRRAEEHAENVYYLLFKPEYLTRMAGKGLRQGFEDAGPARE
;
_entity_poly.pdbx_strand_id   A,B,C,D,E
#
# COMPACT_ATOMS: atom_id res chain seq x y z
N THR A 2 -10.04 24.16 -24.34
CA THR A 2 -9.98 22.81 -24.96
C THR A 2 -9.79 21.74 -23.89
N LYS A 3 -8.80 21.95 -23.03
CA LYS A 3 -8.51 21.00 -21.96
C LYS A 3 -9.36 21.37 -20.75
N LYS A 4 -9.53 20.40 -19.86
CA LYS A 4 -10.33 20.59 -18.66
C LYS A 4 -9.49 20.27 -17.44
N VAL A 5 -9.63 21.08 -16.41
CA VAL A 5 -8.89 20.90 -15.16
C VAL A 5 -9.83 20.87 -13.97
N GLY A 6 -9.70 19.82 -13.16
CA GLY A 6 -10.54 19.69 -11.99
C GLY A 6 -9.77 20.16 -10.77
N ILE A 7 -10.46 20.92 -9.92
CA ILE A 7 -9.84 21.45 -8.69
C ILE A 7 -10.62 21.00 -7.47
N VAL A 8 -9.97 20.19 -6.62
CA VAL A 8 -10.62 19.68 -5.43
C VAL A 8 -9.96 20.18 -4.17
N ASP A 9 -10.74 20.84 -3.31
CA ASP A 9 -10.21 21.36 -2.06
C ASP A 9 -11.05 20.88 -0.89
N THR A 10 -10.80 21.43 0.29
CA THR A 10 -11.49 20.97 1.48
C THR A 10 -12.02 22.07 2.39
N THR A 11 -12.89 21.70 3.33
CA THR A 11 -13.44 22.64 4.30
C THR A 11 -12.53 22.61 5.53
N PHE A 12 -11.70 21.57 5.63
CA PHE A 12 -10.78 21.46 6.76
C PHE A 12 -9.64 22.47 6.67
N ALA A 13 -9.14 22.66 5.44
CA ALA A 13 -8.03 23.60 5.21
C ALA A 13 -8.31 24.97 5.80
N ARG A 14 -7.30 25.57 6.39
CA ARG A 14 -7.44 26.88 6.99
C ARG A 14 -7.07 28.01 6.02
N VAL A 15 -6.77 27.64 4.78
CA VAL A 15 -6.42 28.60 3.75
C VAL A 15 -7.07 28.21 2.43
N ASP A 16 -7.60 29.21 1.73
CA ASP A 16 -8.26 29.00 0.44
C ASP A 16 -7.21 28.98 -0.65
N MET A 17 -6.84 27.78 -1.10
CA MET A 17 -5.82 27.64 -2.12
C MET A 17 -6.39 27.57 -3.53
N ALA A 18 -7.66 27.21 -3.64
CA ALA A 18 -8.32 27.09 -4.95
C ALA A 18 -8.43 28.37 -5.77
N SER A 19 -8.82 29.45 -5.13
CA SER A 19 -8.99 30.71 -5.84
C SER A 19 -7.73 31.13 -6.58
N ILE A 20 -6.60 31.07 -5.89
CA ILE A 20 -5.33 31.46 -6.47
C ILE A 20 -4.93 30.57 -7.65
N ALA A 21 -5.22 29.27 -7.53
CA ALA A 21 -4.87 28.33 -8.59
C ALA A 21 -5.70 28.60 -9.83
N ILE A 22 -7.02 28.67 -9.64
CA ILE A 22 -7.95 28.92 -10.73
C ILE A 22 -7.59 30.20 -11.48
N LYS A 23 -7.31 31.26 -10.74
CA LYS A 23 -6.96 32.55 -11.35
C LYS A 23 -5.70 32.41 -12.19
N LYS A 24 -4.75 31.61 -11.70
CA LYS A 24 -3.51 31.43 -12.42
C LYS A 24 -3.72 30.67 -13.72
N LEU A 25 -4.57 29.66 -13.68
CA LEU A 25 -4.84 28.88 -14.89
C LEU A 25 -5.56 29.69 -15.95
N LYS A 26 -6.60 30.41 -15.54
CA LYS A 26 -7.36 31.21 -16.49
C LYS A 26 -6.45 32.29 -17.08
N GLU A 27 -5.44 32.67 -16.32
CA GLU A 27 -4.49 33.68 -16.76
C GLU A 27 -3.64 33.13 -17.89
N LEU A 28 -3.08 31.94 -17.69
CA LEU A 28 -2.23 31.31 -18.69
C LEU A 28 -3.01 30.71 -19.85
N SER A 29 -4.25 30.33 -19.56
CA SER A 29 -5.11 29.72 -20.55
C SER A 29 -6.55 30.10 -20.27
N PRO A 30 -6.92 31.35 -20.58
CA PRO A 30 -8.27 31.89 -20.36
C PRO A 30 -9.35 30.98 -20.95
N ASN A 31 -8.91 30.00 -21.74
CA ASN A 31 -9.83 29.08 -22.38
C ASN A 31 -9.89 27.70 -21.74
N ILE A 32 -9.06 27.44 -20.73
CA ILE A 32 -9.11 26.14 -20.05
C ILE A 32 -10.47 26.05 -19.39
N LYS A 33 -10.95 24.81 -19.21
CA LYS A 33 -12.23 24.57 -18.56
C LYS A 33 -11.93 24.17 -17.12
N ILE A 34 -12.63 24.76 -16.16
CA ILE A 34 -12.42 24.43 -14.76
C ILE A 34 -13.70 23.90 -14.17
N ILE A 35 -13.54 23.03 -13.16
CA ILE A 35 -14.64 22.44 -12.42
C ILE A 35 -14.14 22.12 -10.99
N ARG A 36 -14.80 22.72 -10.00
CA ARG A 36 -14.44 22.57 -8.60
C ARG A 36 -15.34 21.62 -7.81
N LYS A 37 -14.78 21.08 -6.74
CA LYS A 37 -15.50 20.20 -5.82
C LYS A 37 -14.80 20.29 -4.48
N THR A 38 -15.58 20.53 -3.44
CA THR A 38 -15.04 20.65 -2.11
C THR A 38 -15.55 19.50 -1.28
N VAL A 39 -14.64 18.86 -0.55
CA VAL A 39 -15.00 17.75 0.33
C VAL A 39 -14.61 18.15 1.74
N PRO A 40 -15.03 17.36 2.75
CA PRO A 40 -14.68 17.71 4.13
C PRO A 40 -13.20 17.87 4.37
N GLY A 41 -12.42 16.84 4.05
CA GLY A 41 -10.99 16.93 4.29
C GLY A 41 -10.10 16.06 3.43
N ILE A 42 -8.85 16.04 3.85
CA ILE A 42 -7.78 15.29 3.21
C ILE A 42 -8.12 13.90 2.68
N LYS A 43 -8.68 13.04 3.54
CA LYS A 43 -9.00 11.69 3.10
C LYS A 43 -10.20 11.58 2.16
N ASP A 44 -10.87 12.69 1.88
CA ASP A 44 -12.03 12.64 1.00
C ASP A 44 -11.65 13.07 -0.41
N LEU A 45 -10.40 13.51 -0.57
CA LEU A 45 -9.92 13.97 -1.86
C LEU A 45 -9.73 12.93 -2.97
N PRO A 46 -9.08 11.79 -2.66
CA PRO A 46 -8.86 10.75 -3.66
C PRO A 46 -10.04 10.36 -4.56
N VAL A 47 -11.15 9.94 -3.97
CA VAL A 47 -12.30 9.55 -4.79
C VAL A 47 -12.93 10.72 -5.50
N ALA A 48 -12.84 11.91 -4.92
CA ALA A 48 -13.40 13.10 -5.54
C ALA A 48 -12.54 13.41 -6.77
N CYS A 49 -11.22 13.29 -6.62
CA CYS A 49 -10.33 13.52 -7.74
C CYS A 49 -10.59 12.46 -8.83
N LYS A 50 -10.76 11.21 -8.42
CA LYS A 50 -11.00 10.14 -9.39
C LYS A 50 -12.32 10.32 -10.15
N LYS A 51 -13.38 10.72 -9.45
CA LYS A 51 -14.68 10.92 -10.09
C LYS A 51 -14.58 12.05 -11.13
N LEU A 52 -13.82 13.08 -10.81
CA LEU A 52 -13.64 14.18 -11.73
C LEU A 52 -12.90 13.71 -12.99
N LEU A 53 -11.84 12.96 -12.80
CA LEU A 53 -11.06 12.47 -13.94
C LEU A 53 -11.84 11.52 -14.84
N GLU A 54 -12.63 10.64 -14.24
CA GLU A 54 -13.41 9.63 -14.95
C GLU A 54 -14.87 9.96 -15.27
N GLU A 55 -15.50 10.80 -14.47
CA GLU A 55 -16.90 11.12 -14.69
C GLU A 55 -17.20 12.52 -15.21
N GLU A 56 -16.24 13.42 -15.10
CA GLU A 56 -16.45 14.79 -15.57
C GLU A 56 -15.51 15.18 -16.71
N GLY A 57 -14.75 14.23 -17.22
CA GLY A 57 -13.85 14.54 -18.33
C GLY A 57 -12.65 15.41 -18.03
N CYS A 58 -12.24 15.51 -16.78
CA CYS A 58 -11.08 16.32 -16.48
C CYS A 58 -9.84 15.62 -17.04
N ASP A 59 -8.96 16.40 -17.66
CA ASP A 59 -7.74 15.88 -18.23
C ASP A 59 -6.71 15.76 -17.12
N ILE A 60 -6.85 16.60 -16.12
CA ILE A 60 -5.93 16.61 -15.00
C ILE A 60 -6.64 17.23 -13.80
N VAL A 61 -6.17 16.93 -12.60
CA VAL A 61 -6.80 17.46 -11.39
C VAL A 61 -5.78 17.97 -10.37
N MET A 62 -6.18 19.02 -9.64
CA MET A 62 -5.33 19.58 -8.59
C MET A 62 -6.00 19.24 -7.26
N ALA A 63 -5.23 18.68 -6.33
CA ALA A 63 -5.76 18.32 -5.02
C ALA A 63 -5.16 19.28 -4.00
N LEU A 64 -6.01 20.05 -3.33
CA LEU A 64 -5.55 21.03 -2.36
C LEU A 64 -5.93 20.62 -0.95
N GLY A 65 -4.94 20.47 -0.09
CA GLY A 65 -5.21 20.08 1.27
C GLY A 65 -4.22 20.64 2.29
N MET A 66 -4.63 20.67 3.54
CA MET A 66 -3.77 21.17 4.61
C MET A 66 -3.71 20.20 5.79
N PRO A 67 -2.64 19.40 5.86
CA PRO A 67 -2.51 18.47 6.98
C PRO A 67 -2.43 19.31 8.26
N GLY A 68 -2.80 18.71 9.38
CA GLY A 68 -2.72 19.42 10.65
C GLY A 68 -1.34 19.22 11.26
N LYS A 69 -1.15 19.68 12.49
CA LYS A 69 0.15 19.56 13.16
C LYS A 69 0.41 18.23 13.87
N ALA A 70 -0.62 17.67 14.49
CA ALA A 70 -0.50 16.40 15.21
C ALA A 70 0.04 15.30 14.30
N GLU A 71 0.91 14.44 14.84
CA GLU A 71 1.46 13.35 14.05
C GLU A 71 0.35 12.49 13.47
N LYS A 72 -0.83 12.57 14.08
CA LYS A 72 -1.96 11.80 13.60
C LYS A 72 -2.40 12.42 12.28
N ASP A 73 -2.16 13.72 12.16
CA ASP A 73 -2.47 14.45 10.94
C ASP A 73 -1.48 14.07 9.85
N LYS A 74 -0.26 13.66 10.25
CA LYS A 74 0.76 13.26 9.29
C LYS A 74 0.40 11.92 8.69
N VAL A 75 -0.22 11.08 9.50
CA VAL A 75 -0.62 9.75 9.05
C VAL A 75 -1.77 9.91 8.06
N CYS A 76 -2.76 10.72 8.42
CA CYS A 76 -3.89 10.96 7.54
C CYS A 76 -3.40 11.50 6.20
N ALA A 77 -2.46 12.44 6.24
CA ALA A 77 -1.91 13.03 5.03
C ALA A 77 -1.31 11.92 4.17
N HIS A 78 -0.46 11.11 4.78
CA HIS A 78 0.18 9.99 4.10
C HIS A 78 -0.84 9.05 3.45
N GLU A 79 -1.93 8.78 4.16
CA GLU A 79 -2.96 7.90 3.63
C GLU A 79 -3.66 8.59 2.47
N ALA A 80 -3.90 9.88 2.62
CA ALA A 80 -4.55 10.65 1.56
C ALA A 80 -3.66 10.67 0.32
N SER A 81 -2.36 10.91 0.51
CA SER A 81 -1.42 10.95 -0.61
C SER A 81 -1.36 9.61 -1.34
N LEU A 82 -1.45 8.52 -0.58
CA LEU A 82 -1.45 7.19 -1.18
C LEU A 82 -2.69 7.04 -2.06
N GLY A 83 -3.81 7.58 -1.62
CA GLY A 83 -5.04 7.50 -2.39
C GLY A 83 -4.87 8.26 -3.70
N LEU A 84 -4.23 9.43 -3.62
CA LEU A 84 -4.00 10.24 -4.82
C LEU A 84 -3.08 9.50 -5.80
N MET A 85 -2.09 8.80 -5.28
CA MET A 85 -1.18 8.06 -6.14
C MET A 85 -1.96 6.98 -6.89
N LEU A 86 -2.81 6.25 -6.16
CA LEU A 86 -3.61 5.19 -6.77
C LEU A 86 -4.64 5.67 -7.76
N ALA A 87 -5.28 6.79 -7.48
CA ALA A 87 -6.30 7.32 -8.37
C ALA A 87 -5.67 7.61 -9.74
N GLN A 88 -4.46 8.15 -9.71
CA GLN A 88 -3.72 8.47 -10.93
C GLN A 88 -3.38 7.20 -11.72
N LEU A 89 -2.85 6.19 -11.04
CA LEU A 89 -2.49 4.95 -11.74
C LEU A 89 -3.71 4.24 -12.33
N MET A 90 -4.86 4.43 -11.71
CA MET A 90 -6.09 3.81 -12.16
C MET A 90 -6.77 4.55 -13.31
N THR A 91 -6.35 5.79 -13.55
CA THR A 91 -6.93 6.62 -14.62
C THR A 91 -5.90 7.03 -15.66
N ASN A 92 -4.63 6.85 -15.35
CA ASN A 92 -3.58 7.26 -16.27
C ASN A 92 -3.61 8.75 -16.51
N LYS A 93 -4.02 9.48 -15.47
CA LYS A 93 -4.08 10.93 -15.52
C LYS A 93 -3.41 11.49 -14.26
N HIS A 94 -2.72 12.61 -14.42
CA HIS A 94 -2.00 13.25 -13.33
C HIS A 94 -2.93 13.98 -12.36
N ILE A 95 -2.53 13.94 -11.09
CA ILE A 95 -3.23 14.63 -10.01
C ILE A 95 -2.10 15.39 -9.31
N ILE A 96 -2.11 16.70 -9.45
CA ILE A 96 -1.09 17.52 -8.83
C ILE A 96 -1.44 17.75 -7.37
N GLU A 97 -0.66 17.16 -6.49
CA GLU A 97 -0.91 17.25 -5.06
C GLU A 97 -0.34 18.54 -4.48
N VAL A 98 -1.23 19.33 -3.89
CA VAL A 98 -0.86 20.60 -3.28
C VAL A 98 -1.21 20.56 -1.80
N PHE A 99 -0.30 20.01 -1.00
CA PHE A 99 -0.49 19.93 0.43
C PHE A 99 0.42 20.93 1.11
N VAL A 100 -0.09 21.53 2.19
CA VAL A 100 0.68 22.51 2.94
C VAL A 100 0.49 22.21 4.41
N HIS A 101 1.54 21.75 5.06
CA HIS A 101 1.47 21.44 6.49
C HIS A 101 1.61 22.74 7.25
N GLU A 102 0.85 22.91 8.32
CA GLU A 102 0.93 24.13 9.11
C GLU A 102 2.33 24.26 9.72
N ASP A 103 2.99 23.13 9.93
CA ASP A 103 4.33 23.09 10.51
C ASP A 103 5.37 23.84 9.69
N GLU A 104 5.04 24.13 8.44
CA GLU A 104 5.97 24.83 7.56
C GLU A 104 6.01 26.33 7.78
N ALA A 105 4.92 26.89 8.27
CA ALA A 105 4.87 28.32 8.51
C ALA A 105 5.18 28.62 9.97
N LYS A 106 5.60 29.85 10.24
CA LYS A 106 5.92 30.24 11.61
C LYS A 106 4.72 30.95 12.21
N ASP A 107 3.68 31.07 11.40
CA ASP A 107 2.46 31.72 11.82
C ASP A 107 1.52 31.64 10.64
N ASP A 108 0.29 32.07 10.85
CA ASP A 108 -0.72 32.06 9.81
C ASP A 108 -0.37 33.03 8.70
N LYS A 109 0.08 34.21 9.10
CA LYS A 109 0.48 35.25 8.16
C LYS A 109 1.26 34.56 7.05
N GLU A 110 2.29 33.83 7.46
CA GLU A 110 3.15 33.10 6.55
C GLU A 110 2.48 31.84 5.97
N LEU A 111 1.63 31.20 6.76
CA LEU A 111 0.95 30.00 6.29
C LEU A 111 0.04 30.32 5.11
N ASP A 112 -0.70 31.41 5.22
CA ASP A 112 -1.58 31.84 4.16
C ASP A 112 -0.78 32.17 2.90
N TRP A 113 0.35 32.86 3.09
CA TRP A 113 1.20 33.22 1.97
C TRP A 113 1.77 31.99 1.29
N LEU A 114 2.35 31.12 2.11
CA LEU A 114 2.97 29.90 1.63
C LEU A 114 2.04 28.97 0.86
N ALA A 115 0.83 28.78 1.38
CA ALA A 115 -0.14 27.90 0.74
C ALA A 115 -0.58 28.44 -0.62
N LYS A 116 -0.91 29.72 -0.66
CA LYS A 116 -1.34 30.34 -1.90
C LYS A 116 -0.21 30.35 -2.93
N ARG A 117 1.00 30.64 -2.48
CA ARG A 117 2.15 30.67 -3.38
C ARG A 117 2.41 29.28 -3.96
N ARG A 118 2.31 28.26 -3.12
CA ARG A 118 2.55 26.91 -3.59
C ARG A 118 1.44 26.47 -4.54
N ALA A 119 0.21 26.84 -4.22
CA ALA A 119 -0.93 26.48 -5.06
C ALA A 119 -0.76 27.11 -6.44
N GLU A 120 -0.44 28.39 -6.46
CA GLU A 120 -0.25 29.13 -7.70
C GLU A 120 0.89 28.56 -8.55
N GLU A 121 2.00 28.22 -7.89
CA GLU A 121 3.14 27.67 -8.63
C GLU A 121 2.83 26.30 -9.24
N HIS A 122 2.06 25.48 -8.54
CA HIS A 122 1.72 24.18 -9.09
C HIS A 122 0.68 24.37 -10.18
N ALA A 123 -0.04 25.48 -10.11
CA ALA A 123 -1.04 25.79 -11.13
C ALA A 123 -0.30 26.00 -12.46
N GLU A 124 0.92 26.52 -12.38
CA GLU A 124 1.74 26.72 -13.57
C GLU A 124 2.19 25.34 -14.05
N ASN A 125 2.47 24.44 -13.11
CA ASN A 125 2.90 23.08 -13.48
C ASN A 125 1.80 22.37 -14.23
N VAL A 126 0.56 22.62 -13.84
CA VAL A 126 -0.57 21.99 -14.51
C VAL A 126 -0.58 22.51 -15.93
N TYR A 127 -0.41 23.82 -16.06
CA TYR A 127 -0.38 24.48 -17.36
C TYR A 127 0.66 23.85 -18.27
N TYR A 128 1.89 23.79 -17.77
CA TYR A 128 3.01 23.23 -18.52
C TYR A 128 2.77 21.79 -18.91
N LEU A 129 2.20 21.00 -18.01
CA LEU A 129 1.93 19.60 -18.29
C LEU A 129 0.90 19.47 -19.43
N LEU A 130 -0.07 20.39 -19.43
CA LEU A 130 -1.12 20.40 -20.43
C LEU A 130 -0.74 20.94 -21.81
N PHE A 131 0.04 22.03 -21.85
CA PHE A 131 0.39 22.63 -23.13
C PHE A 131 1.86 22.70 -23.50
N LYS A 132 2.75 22.80 -22.52
CA LYS A 132 4.17 22.89 -22.83
C LYS A 132 5.04 21.89 -22.09
N PRO A 133 4.74 20.60 -22.24
CA PRO A 133 5.52 19.56 -21.56
C PRO A 133 7.02 19.72 -21.81
N GLU A 134 7.36 20.37 -22.91
CA GLU A 134 8.76 20.59 -23.27
C GLU A 134 9.46 21.54 -22.31
N TYR A 135 8.73 22.50 -21.76
CA TYR A 135 9.33 23.44 -20.83
C TYR A 135 9.91 22.71 -19.62
N LEU A 136 9.10 21.85 -19.00
CA LEU A 136 9.53 21.11 -17.84
C LEU A 136 10.86 20.35 -18.07
N THR A 137 11.01 19.79 -19.28
CA THR A 137 12.24 19.05 -19.61
C THR A 137 13.43 20.00 -19.61
N ARG A 138 13.20 21.23 -20.08
CA ARG A 138 14.25 22.23 -20.14
C ARG A 138 14.73 22.53 -18.72
N MET A 139 13.82 22.39 -17.76
CA MET A 139 14.12 22.66 -16.37
C MET A 139 14.44 21.39 -15.58
N ALA A 140 14.62 20.29 -16.29
CA ALA A 140 14.95 19.02 -15.65
C ALA A 140 16.19 19.14 -14.78
N GLY A 141 16.05 18.76 -13.51
CA GLY A 141 17.18 18.79 -12.59
C GLY A 141 17.74 20.14 -12.22
N LYS A 142 16.97 21.22 -12.36
CA LYS A 142 17.48 22.53 -12.01
C LYS A 142 17.04 22.95 -10.61
N GLY A 143 16.60 21.96 -9.83
CA GLY A 143 16.18 22.19 -8.47
C GLY A 143 15.01 23.13 -8.23
N LEU A 144 13.96 23.00 -9.04
CA LEU A 144 12.79 23.84 -8.85
C LEU A 144 12.02 23.35 -7.63
N ARG A 145 11.71 24.28 -6.74
CA ARG A 145 10.98 23.98 -5.51
C ARG A 145 10.47 25.32 -5.03
N GLN A 146 11.39 26.07 -4.44
CA GLN A 146 11.15 27.42 -3.92
C GLN A 146 12.55 28.05 -3.74
N GLY A 147 13.55 27.33 -4.24
CA GLY A 147 14.93 27.75 -4.15
C GLY A 147 15.82 26.99 -5.12
N THR B 2 -35.08 7.53 -3.22
CA THR B 2 -34.11 8.34 -4.00
C THR B 2 -32.66 8.07 -3.55
N LYS B 3 -32.17 8.78 -2.55
CA LYS B 3 -30.80 8.57 -2.07
C LYS B 3 -30.71 7.62 -0.88
N LYS B 4 -29.65 6.81 -0.85
CA LYS B 4 -29.45 5.85 0.23
C LYS B 4 -28.06 5.95 0.88
N VAL B 5 -28.04 5.95 2.21
CA VAL B 5 -26.80 6.02 2.96
C VAL B 5 -26.58 4.75 3.75
N GLY B 6 -25.37 4.23 3.71
CA GLY B 6 -25.05 3.03 4.47
C GLY B 6 -24.25 3.46 5.69
N ILE B 7 -24.55 2.85 6.84
CA ILE B 7 -23.86 3.17 8.08
C ILE B 7 -23.27 1.91 8.68
N VAL B 8 -21.95 1.87 8.77
CA VAL B 8 -21.25 0.72 9.29
C VAL B 8 -20.48 1.05 10.56
N ASP B 9 -20.79 0.33 11.64
CA ASP B 9 -20.12 0.55 12.91
C ASP B 9 -19.58 -0.75 13.46
N THR B 10 -19.08 -0.73 14.69
CA THR B 10 -18.46 -1.91 15.27
C THR B 10 -18.89 -2.25 16.69
N THR B 11 -18.58 -3.49 17.11
CA THR B 11 -18.88 -3.94 18.47
C THR B 11 -17.68 -3.59 19.37
N PHE B 12 -16.55 -3.28 18.75
CA PHE B 12 -15.34 -2.93 19.48
C PHE B 12 -15.44 -1.52 20.08
N ALA B 13 -16.04 -0.61 19.32
CA ALA B 13 -16.19 0.78 19.76
C ALA B 13 -16.87 0.84 21.12
N ARG B 14 -16.38 1.74 21.97
CA ARG B 14 -16.95 1.89 23.30
C ARG B 14 -18.02 2.98 23.35
N VAL B 15 -18.37 3.51 22.18
CA VAL B 15 -19.40 4.53 22.09
C VAL B 15 -20.27 4.26 20.86
N ASP B 16 -21.57 4.44 21.02
CA ASP B 16 -22.53 4.23 19.92
C ASP B 16 -22.61 5.51 19.11
N MET B 17 -21.94 5.53 17.96
CA MET B 17 -21.94 6.71 17.12
C MET B 17 -23.00 6.68 16.03
N ALA B 18 -23.48 5.48 15.71
CA ALA B 18 -24.49 5.33 14.66
C ALA B 18 -25.85 5.98 14.92
N SER B 19 -26.35 5.83 16.13
CA SER B 19 -27.66 6.40 16.46
C SER B 19 -27.71 7.91 16.18
N ILE B 20 -26.68 8.60 16.64
CA ILE B 20 -26.60 10.05 16.47
C ILE B 20 -26.53 10.46 15.01
N ALA B 21 -25.78 9.70 14.22
CA ALA B 21 -25.63 9.99 12.80
C ALA B 21 -26.95 9.81 12.07
N ILE B 22 -27.56 8.64 12.27
CA ILE B 22 -28.82 8.30 11.65
C ILE B 22 -29.89 9.35 11.95
N LYS B 23 -30.00 9.73 13.21
CA LYS B 23 -30.98 10.73 13.64
C LYS B 23 -30.74 12.04 12.93
N LYS B 24 -29.48 12.40 12.76
CA LYS B 24 -29.15 13.65 12.10
C LYS B 24 -29.53 13.63 10.63
N LEU B 25 -29.29 12.51 9.96
CA LEU B 25 -29.64 12.39 8.55
C LEU B 25 -31.14 12.44 8.32
N LYS B 26 -31.89 11.66 9.10
CA LYS B 26 -33.35 11.64 8.95
C LYS B 26 -33.91 13.03 9.24
N GLU B 27 -33.19 13.78 10.07
CA GLU B 27 -33.61 15.13 10.42
C GLU B 27 -33.46 16.03 9.21
N LEU B 28 -32.28 16.01 8.59
CA LEU B 28 -32.00 16.85 7.42
C LEU B 28 -32.70 16.35 6.17
N SER B 29 -32.99 15.06 6.12
CA SER B 29 -33.64 14.47 4.96
C SER B 29 -34.49 13.29 5.34
N PRO B 30 -35.72 13.53 5.83
CA PRO B 30 -36.64 12.47 6.24
C PRO B 30 -36.89 11.43 5.15
N ASN B 31 -36.63 11.79 3.90
CA ASN B 31 -36.84 10.84 2.81
C ASN B 31 -35.57 10.02 2.54
N ILE B 32 -34.59 10.15 3.43
CA ILE B 32 -33.33 9.42 3.27
C ILE B 32 -33.51 7.96 3.71
N LYS B 33 -32.99 7.05 2.90
CA LYS B 33 -33.07 5.63 3.19
C LYS B 33 -31.75 5.26 3.88
N ILE B 34 -31.83 4.45 4.93
CA ILE B 34 -30.63 4.07 5.67
C ILE B 34 -30.53 2.58 5.95
N ILE B 35 -29.33 2.03 5.74
CA ILE B 35 -29.06 0.62 5.99
C ILE B 35 -27.82 0.47 6.87
N ARG B 36 -27.98 -0.22 8.00
CA ARG B 36 -26.89 -0.42 8.95
C ARG B 36 -26.28 -1.81 8.88
N LYS B 37 -25.02 -1.90 9.31
CA LYS B 37 -24.31 -3.16 9.38
C LYS B 37 -23.23 -2.97 10.42
N THR B 38 -23.17 -3.91 11.35
CA THR B 38 -22.19 -3.86 12.42
C THR B 38 -21.22 -5.02 12.24
N VAL B 39 -19.93 -4.73 12.37
CA VAL B 39 -18.90 -5.76 12.24
C VAL B 39 -18.11 -5.76 13.54
N PRO B 40 -17.26 -6.77 13.77
CA PRO B 40 -16.48 -6.81 15.01
C PRO B 40 -15.68 -5.56 15.29
N GLY B 41 -14.81 -5.17 14.37
CA GLY B 41 -14.01 -4.00 14.59
C GLY B 41 -13.50 -3.26 13.37
N ILE B 42 -12.62 -2.31 13.65
CA ILE B 42 -11.97 -1.46 12.68
C ILE B 42 -11.58 -2.10 11.35
N LYS B 43 -10.82 -3.18 11.40
CA LYS B 43 -10.38 -3.83 10.17
C LYS B 43 -11.47 -4.58 9.41
N ASP B 44 -12.67 -4.67 9.96
CA ASP B 44 -13.75 -5.36 9.27
C ASP B 44 -14.64 -4.39 8.51
N LEU B 45 -14.40 -3.10 8.71
CA LEU B 45 -15.20 -2.05 8.06
C LEU B 45 -15.09 -1.90 6.55
N PRO B 46 -13.86 -1.89 6.00
CA PRO B 46 -13.69 -1.75 4.55
C PRO B 46 -14.57 -2.60 3.64
N VAL B 47 -14.52 -3.92 3.79
CA VAL B 47 -15.32 -4.77 2.92
C VAL B 47 -16.81 -4.62 3.19
N ALA B 48 -17.17 -4.29 4.42
CA ALA B 48 -18.58 -4.12 4.76
C ALA B 48 -19.06 -2.85 4.08
N CYS B 49 -18.21 -1.82 4.09
CA CYS B 49 -18.57 -0.57 3.43
C CYS B 49 -18.65 -0.81 1.91
N LYS B 50 -17.72 -1.58 1.36
CA LYS B 50 -17.71 -1.85 -0.08
C LYS B 50 -18.94 -2.64 -0.51
N LYS B 51 -19.31 -3.66 0.27
CA LYS B 51 -20.47 -4.49 -0.06
C LYS B 51 -21.75 -3.63 -0.05
N LEU B 52 -21.82 -2.68 0.87
CA LEU B 52 -22.99 -1.81 0.94
C LEU B 52 -23.05 -0.93 -0.29
N LEU B 53 -21.92 -0.35 -0.68
CA LEU B 53 -21.88 0.53 -1.86
C LEU B 53 -22.19 -0.19 -3.16
N GLU B 54 -21.69 -1.41 -3.30
CA GLU B 54 -21.86 -2.21 -4.50
C GLU B 54 -23.00 -3.23 -4.52
N GLU B 55 -23.40 -3.73 -3.36
CA GLU B 55 -24.44 -4.75 -3.29
C GLU B 55 -25.78 -4.30 -2.72
N GLU B 56 -25.80 -3.16 -2.03
CA GLU B 56 -27.05 -2.67 -1.46
C GLU B 56 -27.48 -1.32 -2.03
N GLY B 57 -26.80 -0.86 -3.07
CA GLY B 57 -27.17 0.39 -3.68
C GLY B 57 -26.92 1.67 -2.88
N CYS B 58 -26.05 1.62 -1.88
CA CYS B 58 -25.81 2.84 -1.13
C CYS B 58 -25.06 3.84 -2.00
N ASP B 59 -25.49 5.10 -1.93
CA ASP B 59 -24.85 6.16 -2.70
C ASP B 59 -23.61 6.62 -1.97
N ILE B 60 -23.64 6.46 -0.65
CA ILE B 60 -22.51 6.87 0.17
C ILE B 60 -22.56 6.07 1.48
N VAL B 61 -21.42 5.95 2.16
CA VAL B 61 -21.37 5.20 3.41
C VAL B 61 -20.58 5.91 4.49
N MET B 62 -21.02 5.73 5.74
CA MET B 62 -20.33 6.31 6.89
C MET B 62 -19.70 5.15 7.65
N ALA B 63 -18.41 5.27 7.95
CA ALA B 63 -17.69 4.22 8.68
C ALA B 63 -17.40 4.78 10.07
N LEU B 64 -17.91 4.10 11.08
CA LEU B 64 -17.73 4.54 12.46
C LEU B 64 -16.84 3.57 13.23
N GLY B 65 -15.73 4.08 13.76
CA GLY B 65 -14.83 3.24 14.50
C GLY B 65 -14.09 3.95 15.61
N MET B 66 -13.58 3.18 16.56
CA MET B 66 -12.83 3.75 17.65
C MET B 66 -11.55 2.99 17.90
N PRO B 67 -10.43 3.52 17.42
CA PRO B 67 -9.16 2.83 17.65
C PRO B 67 -8.85 2.94 19.14
N GLY B 68 -8.16 1.95 19.68
CA GLY B 68 -7.80 1.96 21.08
C GLY B 68 -6.55 2.81 21.29
N LYS B 69 -6.06 2.88 22.52
CA LYS B 69 -4.89 3.69 22.87
C LYS B 69 -3.51 3.16 22.47
N ALA B 70 -3.34 1.84 22.50
CA ALA B 70 -2.05 1.24 22.15
C ALA B 70 -1.49 1.78 20.83
N GLU B 71 -0.18 1.69 20.66
CA GLU B 71 0.42 2.16 19.40
C GLU B 71 0.10 1.13 18.32
N LYS B 72 -0.30 -0.06 18.76
CA LYS B 72 -0.68 -1.12 17.84
C LYS B 72 -1.98 -0.64 17.21
N ASP B 73 -2.95 -0.37 18.07
CA ASP B 73 -4.25 0.10 17.64
C ASP B 73 -4.12 1.23 16.61
N LYS B 74 -3.02 1.99 16.70
CA LYS B 74 -2.80 3.07 15.74
C LYS B 74 -2.47 2.45 14.40
N VAL B 75 -1.77 1.33 14.43
CA VAL B 75 -1.41 0.63 13.21
C VAL B 75 -2.68 0.03 12.60
N CYS B 76 -3.50 -0.62 13.42
CA CYS B 76 -4.73 -1.22 12.94
C CYS B 76 -5.62 -0.15 12.31
N ALA B 77 -5.71 1.01 12.98
CA ALA B 77 -6.51 2.11 12.46
C ALA B 77 -6.00 2.50 11.08
N HIS B 78 -4.69 2.73 10.98
CA HIS B 78 -4.05 3.10 9.71
C HIS B 78 -4.36 2.09 8.62
N GLU B 79 -4.33 0.81 8.96
CA GLU B 79 -4.61 -0.24 8.00
C GLU B 79 -6.08 -0.18 7.59
N ALA B 80 -6.94 0.07 8.59
CA ALA B 80 -8.37 0.17 8.33
C ALA B 80 -8.66 1.36 7.41
N SER B 81 -8.04 2.50 7.70
CA SER B 81 -8.23 3.69 6.88
C SER B 81 -7.77 3.47 5.45
N LEU B 82 -6.69 2.72 5.28
CA LEU B 82 -6.19 2.42 3.94
C LEU B 82 -7.25 1.60 3.19
N GLY B 83 -7.88 0.67 3.90
CA GLY B 83 -8.92 -0.14 3.29
C GLY B 83 -10.09 0.75 2.84
N LEU B 84 -10.44 1.72 3.67
CA LEU B 84 -11.53 2.62 3.34
C LEU B 84 -11.18 3.46 2.11
N MET B 85 -9.93 3.89 2.01
CA MET B 85 -9.49 4.70 0.87
C MET B 85 -9.64 3.87 -0.40
N LEU B 86 -9.21 2.63 -0.35
CA LEU B 86 -9.28 1.74 -1.50
C LEU B 86 -10.70 1.37 -1.91
N ALA B 87 -11.58 1.17 -0.94
CA ALA B 87 -12.96 0.80 -1.23
C ALA B 87 -13.61 1.91 -2.06
N GLN B 88 -13.31 3.14 -1.69
CA GLN B 88 -13.84 4.31 -2.36
C GLN B 88 -13.33 4.42 -3.80
N LEU B 89 -12.03 4.24 -3.98
CA LEU B 89 -11.46 4.32 -5.32
C LEU B 89 -11.98 3.20 -6.24
N MET B 90 -12.32 2.06 -5.65
CA MET B 90 -12.82 0.92 -6.42
C MET B 90 -14.30 1.05 -6.75
N THR B 91 -15.01 1.95 -6.08
CA THR B 91 -16.45 2.13 -6.31
C THR B 91 -16.81 3.52 -6.80
N ASN B 92 -15.87 4.45 -6.72
CA ASN B 92 -16.12 5.82 -7.12
C ASN B 92 -17.25 6.42 -6.28
N LYS B 93 -17.29 6.01 -5.02
CA LYS B 93 -18.27 6.51 -4.06
C LYS B 93 -17.55 6.86 -2.76
N HIS B 94 -18.01 7.93 -2.12
CA HIS B 94 -17.42 8.42 -0.88
C HIS B 94 -17.76 7.57 0.33
N ILE B 95 -16.78 7.44 1.22
CA ILE B 95 -16.96 6.75 2.48
C ILE B 95 -16.45 7.75 3.50
N ILE B 96 -17.38 8.30 4.28
CA ILE B 96 -17.02 9.27 5.29
C ILE B 96 -16.50 8.55 6.52
N GLU B 97 -15.20 8.70 6.77
CA GLU B 97 -14.55 8.04 7.90
C GLU B 97 -14.75 8.77 9.20
N VAL B 98 -15.35 8.09 10.17
CA VAL B 98 -15.61 8.69 11.47
C VAL B 98 -14.89 7.88 12.54
N PHE B 99 -13.61 8.18 12.74
CA PHE B 99 -12.82 7.51 13.75
C PHE B 99 -12.59 8.45 14.93
N VAL B 100 -12.61 7.88 16.13
CA VAL B 100 -12.40 8.63 17.34
C VAL B 100 -11.45 7.85 18.23
N HIS B 101 -10.24 8.38 18.40
CA HIS B 101 -9.24 7.72 19.23
C HIS B 101 -9.55 8.06 20.68
N GLU B 102 -9.42 7.08 21.57
CA GLU B 102 -9.69 7.33 22.98
C GLU B 102 -8.71 8.38 23.52
N ASP B 103 -7.53 8.44 22.92
CA ASP B 103 -6.48 9.39 23.30
C ASP B 103 -6.93 10.85 23.20
N GLU B 104 -8.00 11.10 22.48
CA GLU B 104 -8.49 12.46 22.29
C GLU B 104 -9.28 12.99 23.47
N ALA B 105 -9.91 12.11 24.22
CA ALA B 105 -10.70 12.50 25.36
C ALA B 105 -9.89 12.38 26.64
N LYS B 106 -10.29 13.12 27.68
CA LYS B 106 -9.59 13.07 28.95
C LYS B 106 -10.29 12.09 29.88
N ASP B 107 -11.39 11.51 29.39
CA ASP B 107 -12.15 10.54 30.15
C ASP B 107 -13.36 10.04 29.36
N ASP B 108 -14.10 9.11 29.94
CA ASP B 108 -15.27 8.53 29.29
C ASP B 108 -16.35 9.51 28.94
N LYS B 109 -16.68 10.40 29.88
CA LYS B 109 -17.73 11.38 29.65
C LYS B 109 -17.40 12.17 28.38
N GLU B 110 -16.18 12.71 28.30
CA GLU B 110 -15.75 13.50 27.15
C GLU B 110 -15.64 12.65 25.89
N LEU B 111 -15.20 11.40 26.03
CA LEU B 111 -15.07 10.53 24.89
C LEU B 111 -16.41 10.30 24.24
N ASP B 112 -17.42 10.03 25.06
CA ASP B 112 -18.76 9.79 24.56
C ASP B 112 -19.29 11.03 23.85
N TRP B 113 -19.07 12.19 24.46
CA TRP B 113 -19.50 13.44 23.89
C TRP B 113 -18.82 13.71 22.55
N LEU B 114 -17.50 13.59 22.57
CA LEU B 114 -16.68 13.82 21.38
C LEU B 114 -17.03 12.94 20.19
N ALA B 115 -17.20 11.64 20.44
CA ALA B 115 -17.52 10.72 19.37
C ALA B 115 -18.87 11.01 18.75
N LYS B 116 -19.87 11.22 19.59
CA LYS B 116 -21.20 11.51 19.10
C LYS B 116 -21.26 12.84 18.35
N ARG B 117 -20.56 13.84 18.87
CA ARG B 117 -20.54 15.14 18.22
C ARG B 117 -19.84 15.05 16.85
N ARG B 118 -18.78 14.27 16.77
CA ARG B 118 -18.06 14.13 15.51
C ARG B 118 -18.91 13.33 14.52
N ALA B 119 -19.56 12.28 15.00
CA ALA B 119 -20.41 11.48 14.13
C ALA B 119 -21.53 12.35 13.54
N GLU B 120 -22.19 13.10 14.41
CA GLU B 120 -23.29 13.96 14.00
C GLU B 120 -22.84 15.03 12.99
N GLU B 121 -21.69 15.63 13.23
CA GLU B 121 -21.17 16.65 12.31
C GLU B 121 -20.82 16.08 10.94
N HIS B 122 -20.29 14.87 10.90
CA HIS B 122 -19.96 14.26 9.62
C HIS B 122 -21.24 13.80 8.95
N ALA B 123 -22.28 13.63 9.74
CA ALA B 123 -23.56 13.21 9.20
C ALA B 123 -24.08 14.38 8.35
N GLU B 124 -23.75 15.60 8.78
CA GLU B 124 -24.15 16.79 8.03
C GLU B 124 -23.33 16.83 6.75
N ASN B 125 -22.06 16.41 6.83
CA ASN B 125 -21.22 16.40 5.64
C ASN B 125 -21.77 15.44 4.61
N VAL B 126 -22.31 14.32 5.06
CA VAL B 126 -22.88 13.35 4.14
C VAL B 126 -24.05 14.04 3.45
N TYR B 127 -24.88 14.70 4.25
CA TYR B 127 -26.02 15.41 3.74
C TYR B 127 -25.63 16.38 2.65
N TYR B 128 -24.68 17.24 2.98
CA TYR B 128 -24.20 18.25 2.03
C TYR B 128 -23.65 17.64 0.76
N LEU B 129 -22.91 16.54 0.90
CA LEU B 129 -22.32 15.87 -0.26
C LEU B 129 -23.42 15.33 -1.16
N LEU B 130 -24.50 14.87 -0.57
CA LEU B 130 -25.63 14.30 -1.30
C LEU B 130 -26.58 15.30 -1.94
N PHE B 131 -26.88 16.38 -1.25
CA PHE B 131 -27.83 17.36 -1.78
C PHE B 131 -27.35 18.79 -2.01
N LYS B 132 -26.38 19.25 -1.22
CA LYS B 132 -25.90 20.62 -1.38
C LYS B 132 -24.39 20.73 -1.51
N PRO B 133 -23.81 20.04 -2.51
CA PRO B 133 -22.36 20.09 -2.71
C PRO B 133 -21.84 21.52 -2.79
N GLU B 134 -22.72 22.44 -3.16
CA GLU B 134 -22.35 23.84 -3.28
C GLU B 134 -22.03 24.47 -1.92
N TYR B 135 -22.71 24.02 -0.87
CA TYR B 135 -22.44 24.58 0.46
C TYR B 135 -20.98 24.38 0.84
N LEU B 136 -20.51 23.15 0.72
CA LEU B 136 -19.13 22.84 1.08
C LEU B 136 -18.13 23.77 0.39
N THR B 137 -18.38 24.11 -0.88
CA THR B 137 -17.49 25.00 -1.61
C THR B 137 -17.49 26.38 -0.97
N ARG B 138 -18.66 26.80 -0.49
CA ARG B 138 -18.80 28.11 0.12
C ARG B 138 -17.92 28.16 1.38
N MET B 139 -17.72 26.99 1.99
CA MET B 139 -16.92 26.88 3.20
C MET B 139 -15.49 26.41 2.92
N ALA B 140 -15.11 26.40 1.64
CA ALA B 140 -13.77 25.98 1.25
C ALA B 140 -12.68 26.82 1.93
N GLY B 141 -11.68 26.15 2.48
CA GLY B 141 -10.59 26.85 3.13
C GLY B 141 -10.98 27.42 4.47
N LYS B 142 -12.09 26.93 5.01
CA LYS B 142 -12.60 27.39 6.30
C LYS B 142 -12.33 28.86 6.51
N GLY B 143 -11.91 29.19 7.72
CA GLY B 143 -11.62 30.55 8.09
C GLY B 143 -10.95 30.55 9.44
N LEU B 144 -9.80 29.89 9.50
CA LEU B 144 -8.95 29.78 10.69
C LEU B 144 -8.89 28.37 11.24
N THR C 2 1.89 -27.64 -10.90
CA THR C 2 2.75 -28.00 -9.74
C THR C 2 4.09 -28.56 -10.22
N LYS C 3 4.30 -28.48 -11.50
CA LYS C 3 5.52 -28.99 -12.08
C LYS C 3 6.52 -27.88 -12.37
N LYS C 4 6.15 -26.61 -12.12
CA LYS C 4 7.09 -25.51 -12.39
C LYS C 4 7.31 -24.45 -11.30
N VAL C 5 8.57 -24.17 -11.00
CA VAL C 5 8.87 -23.18 -9.99
C VAL C 5 9.77 -22.10 -10.54
N GLY C 6 9.48 -20.86 -10.15
CA GLY C 6 10.27 -19.74 -10.59
C GLY C 6 11.12 -19.24 -9.45
N ILE C 7 12.38 -18.93 -9.73
CA ILE C 7 13.29 -18.44 -8.71
C ILE C 7 13.88 -17.10 -9.11
N VAL C 8 13.57 -16.07 -8.35
CA VAL C 8 14.05 -14.73 -8.66
C VAL C 8 14.97 -14.21 -7.57
N ASP C 9 16.20 -13.85 -7.97
CA ASP C 9 17.17 -13.32 -7.03
C ASP C 9 17.73 -12.00 -7.53
N THR C 10 18.74 -11.48 -6.85
CA THR C 10 19.30 -10.19 -7.20
C THR C 10 20.82 -10.10 -7.29
N THR C 11 21.32 -9.03 -7.90
CA THR C 11 22.76 -8.79 -8.00
C THR C 11 23.20 -7.99 -6.77
N PHE C 12 22.23 -7.40 -6.07
CA PHE C 12 22.51 -6.61 -4.88
C PHE C 12 22.88 -7.50 -3.70
N ALA C 13 22.18 -8.63 -3.58
CA ALA C 13 22.43 -9.58 -2.49
C ALA C 13 23.90 -9.96 -2.40
N ARG C 14 24.40 -10.07 -1.17
CA ARG C 14 25.80 -10.42 -0.98
C ARG C 14 26.00 -11.92 -0.78
N VAL C 15 24.92 -12.67 -0.93
CA VAL C 15 24.98 -14.11 -0.78
C VAL C 15 24.11 -14.77 -1.85
N ASP C 16 24.64 -15.83 -2.46
CA ASP C 16 23.91 -16.57 -3.50
C ASP C 16 22.96 -17.55 -2.81
N MET C 17 21.68 -17.21 -2.75
CA MET C 17 20.69 -18.06 -2.12
C MET C 17 19.99 -19.00 -3.09
N ALA C 18 20.00 -18.64 -4.38
CA ALA C 18 19.34 -19.43 -5.41
C ALA C 18 19.87 -20.86 -5.62
N SER C 19 21.19 -21.00 -5.67
CA SER C 19 21.78 -22.32 -5.89
C SER C 19 21.31 -23.35 -4.85
N ILE C 20 21.34 -22.96 -3.58
CA ILE C 20 20.92 -23.85 -2.49
C ILE C 20 19.45 -24.24 -2.59
N ALA C 21 18.60 -23.29 -2.99
CA ALA C 21 17.18 -23.52 -3.13
C ALA C 21 16.91 -24.52 -4.26
N ILE C 22 17.46 -24.22 -5.41
CA ILE C 22 17.29 -25.04 -6.60
C ILE C 22 17.72 -26.48 -6.34
N LYS C 23 18.88 -26.63 -5.71
CA LYS C 23 19.41 -27.96 -5.40
C LYS C 23 18.47 -28.71 -4.48
N LYS C 24 17.85 -27.98 -3.55
CA LYS C 24 16.94 -28.61 -2.62
C LYS C 24 15.66 -29.08 -3.30
N LEU C 25 15.14 -28.27 -4.21
CA LEU C 25 13.92 -28.64 -4.92
C LEU C 25 14.15 -29.84 -5.84
N LYS C 26 15.23 -29.82 -6.61
CA LYS C 26 15.52 -30.94 -7.51
C LYS C 26 15.75 -32.21 -6.70
N GLU C 27 16.20 -32.04 -5.46
CA GLU C 27 16.45 -33.16 -4.58
C GLU C 27 15.11 -33.80 -4.21
N LEU C 28 14.17 -32.97 -3.78
CA LEU C 28 12.84 -33.46 -3.40
C LEU C 28 12.01 -33.88 -4.63
N SER C 29 12.15 -33.16 -5.74
CA SER C 29 11.40 -33.48 -6.97
C SER C 29 12.38 -33.33 -8.15
N PRO C 30 13.12 -34.42 -8.48
CA PRO C 30 14.12 -34.47 -9.56
C PRO C 30 13.74 -33.95 -10.93
N ASN C 31 12.47 -34.11 -11.29
CA ASN C 31 12.03 -33.68 -12.60
C ASN C 31 11.27 -32.35 -12.58
N ILE C 32 11.19 -31.71 -11.42
CA ILE C 32 10.47 -30.44 -11.34
C ILE C 32 11.15 -29.41 -12.28
N LYS C 33 10.35 -28.54 -12.89
CA LYS C 33 10.87 -27.53 -13.81
C LYS C 33 11.18 -26.22 -13.09
N ILE C 34 12.40 -25.72 -13.26
CA ILE C 34 12.79 -24.46 -12.61
C ILE C 34 13.30 -23.43 -13.59
N ILE C 35 12.89 -22.18 -13.38
CA ILE C 35 13.32 -21.08 -14.22
C ILE C 35 13.84 -19.99 -13.31
N ARG C 36 14.97 -19.40 -13.68
CA ARG C 36 15.55 -18.35 -12.87
C ARG C 36 15.53 -17.02 -13.60
N LYS C 37 15.58 -15.95 -12.81
CA LYS C 37 15.64 -14.59 -13.33
C LYS C 37 16.29 -13.75 -12.25
N THR C 38 17.29 -12.99 -12.65
CA THR C 38 18.02 -12.14 -11.72
C THR C 38 17.76 -10.69 -12.09
N VAL C 39 17.45 -9.88 -11.08
CA VAL C 39 17.20 -8.46 -11.30
C VAL C 39 18.21 -7.70 -10.44
N PRO C 40 18.31 -6.37 -10.63
CA PRO C 40 19.27 -5.60 -9.83
C PRO C 40 19.10 -5.75 -8.34
N GLY C 41 17.89 -5.46 -7.84
CA GLY C 41 17.68 -5.57 -6.41
C GLY C 41 16.27 -5.79 -5.94
N ILE C 42 16.13 -5.67 -4.63
CA ILE C 42 14.89 -5.86 -3.90
C ILE C 42 13.62 -5.32 -4.58
N LYS C 43 13.63 -4.05 -4.95
CA LYS C 43 12.46 -3.46 -5.56
C LYS C 43 12.16 -3.91 -6.98
N ASP C 44 13.05 -4.67 -7.58
CA ASP C 44 12.82 -5.15 -8.93
C ASP C 44 12.21 -6.54 -8.95
N LEU C 45 12.11 -7.17 -7.77
CA LEU C 45 11.57 -8.52 -7.64
C LEU C 45 10.08 -8.74 -7.95
N PRO C 46 9.20 -7.88 -7.39
CA PRO C 46 7.76 -8.02 -7.62
C PRO C 46 7.29 -8.26 -9.05
N VAL C 47 7.62 -7.36 -9.96
CA VAL C 47 7.18 -7.54 -11.35
C VAL C 47 7.87 -8.73 -12.01
N ALA C 48 9.08 -9.05 -11.57
CA ALA C 48 9.78 -10.21 -12.14
C ALA C 48 9.06 -11.48 -11.68
N CYS C 49 8.66 -11.49 -10.41
CA CYS C 49 7.94 -12.64 -9.89
C CYS C 49 6.59 -12.76 -10.58
N LYS C 50 5.91 -11.63 -10.79
CA LYS C 50 4.61 -11.63 -11.44
C LYS C 50 4.69 -12.11 -12.89
N LYS C 51 5.68 -11.64 -13.63
CA LYS C 51 5.84 -12.06 -15.03
C LYS C 51 6.08 -13.58 -15.10
N LEU C 52 6.83 -14.10 -14.15
CA LEU C 52 7.10 -15.54 -14.15
C LEU C 52 5.81 -16.32 -13.89
N LEU C 53 5.03 -15.86 -12.93
CA LEU C 53 3.77 -16.53 -12.59
C LEU C 53 2.75 -16.48 -13.72
N GLU C 54 2.67 -15.34 -14.40
CA GLU C 54 1.70 -15.12 -15.48
C GLU C 54 2.17 -15.35 -16.91
N GLU C 55 3.46 -15.17 -17.16
CA GLU C 55 4.01 -15.32 -18.51
C GLU C 55 4.87 -16.54 -18.76
N GLU C 56 5.32 -17.20 -17.71
CA GLU C 56 6.15 -18.39 -17.90
C GLU C 56 5.53 -19.65 -17.32
N GLY C 57 4.28 -19.55 -16.88
CA GLY C 57 3.60 -20.70 -16.32
C GLY C 57 4.09 -21.24 -14.97
N CYS C 58 4.78 -20.43 -14.18
CA CYS C 58 5.23 -20.91 -12.89
C CYS C 58 4.02 -21.08 -11.98
N ASP C 59 4.01 -22.18 -11.24
CA ASP C 59 2.93 -22.48 -10.32
C ASP C 59 3.19 -21.72 -9.03
N ILE C 60 4.45 -21.49 -8.75
CA ILE C 60 4.84 -20.79 -7.55
C ILE C 60 6.20 -20.15 -7.78
N VAL C 61 6.54 -19.13 -7.01
CA VAL C 61 7.83 -18.44 -7.15
C VAL C 61 8.51 -18.16 -5.81
N MET C 62 9.84 -18.22 -5.81
CA MET C 62 10.65 -17.92 -4.64
C MET C 62 11.36 -16.60 -4.92
N ALA C 63 11.24 -15.65 -3.99
CA ALA C 63 11.87 -14.34 -4.14
C ALA C 63 13.01 -14.27 -3.13
N LEU C 64 14.23 -14.12 -3.63
CA LEU C 64 15.40 -14.07 -2.79
C LEU C 64 16.02 -12.67 -2.75
N GLY C 65 16.11 -12.09 -1.56
CA GLY C 65 16.67 -10.77 -1.45
C GLY C 65 17.38 -10.51 -0.15
N MET C 66 18.22 -9.48 -0.13
CA MET C 66 18.98 -9.15 1.06
C MET C 66 19.07 -7.65 1.25
N PRO C 67 18.22 -7.09 2.12
CA PRO C 67 18.21 -5.64 2.42
C PRO C 67 19.55 -5.29 3.08
N GLY C 68 20.09 -4.11 2.79
CA GLY C 68 21.35 -3.72 3.40
C GLY C 68 21.12 -3.37 4.86
N LYS C 69 22.17 -2.96 5.56
CA LYS C 69 22.04 -2.60 6.97
C LYS C 69 21.18 -1.36 7.20
N ALA C 70 21.51 -0.25 6.52
CA ALA C 70 20.82 1.03 6.65
C ALA C 70 19.32 0.99 6.89
N GLU C 71 18.81 2.06 7.50
CA GLU C 71 17.40 2.21 7.84
C GLU C 71 16.50 2.31 6.59
N LYS C 72 16.92 3.14 5.64
CA LYS C 72 16.19 3.31 4.40
C LYS C 72 16.07 1.98 3.66
N ASP C 73 17.02 1.07 3.92
CA ASP C 73 17.00 -0.25 3.30
C ASP C 73 15.82 -1.01 3.88
N LYS C 74 15.49 -0.71 5.12
CA LYS C 74 14.36 -1.35 5.77
C LYS C 74 13.10 -0.87 5.08
N VAL C 75 13.11 0.36 4.62
CA VAL C 75 11.97 0.92 3.92
C VAL C 75 11.86 0.27 2.55
N CYS C 76 12.98 0.17 1.84
CA CYS C 76 12.97 -0.46 0.52
C CYS C 76 12.47 -1.90 0.66
N ALA C 77 12.94 -2.61 1.67
CA ALA C 77 12.51 -3.99 1.90
C ALA C 77 10.99 -4.02 2.05
N HIS C 78 10.48 -3.18 2.94
CA HIS C 78 9.06 -3.09 3.21
C HIS C 78 8.27 -2.84 1.93
N GLU C 79 8.79 -1.96 1.08
CA GLU C 79 8.12 -1.63 -0.16
C GLU C 79 8.16 -2.83 -1.08
N ALA C 80 9.30 -3.52 -1.09
CA ALA C 80 9.46 -4.69 -1.93
C ALA C 80 8.50 -5.79 -1.49
N SER C 81 8.40 -6.00 -0.18
CA SER C 81 7.53 -7.01 0.38
C SER C 81 6.07 -6.73 0.05
N LEU C 82 5.70 -5.45 0.03
CA LEU C 82 4.34 -5.07 -0.31
C LEU C 82 4.07 -5.44 -1.76
N GLY C 83 5.08 -5.25 -2.61
CA GLY C 83 4.94 -5.60 -4.02
C GLY C 83 4.71 -7.09 -4.16
N LEU C 84 5.43 -7.87 -3.36
CA LEU C 84 5.29 -9.33 -3.42
C LEU C 84 3.91 -9.75 -2.97
N MET C 85 3.38 -9.10 -1.94
CA MET C 85 2.05 -9.42 -1.44
C MET C 85 1.03 -9.15 -2.54
N LEU C 86 1.15 -8.02 -3.22
CA LEU C 86 0.22 -7.67 -4.29
C LEU C 86 0.30 -8.56 -5.52
N ALA C 87 1.52 -8.99 -5.88
CA ALA C 87 1.70 -9.84 -7.04
C ALA C 87 0.94 -11.15 -6.85
N GLN C 88 0.99 -11.65 -5.63
CA GLN C 88 0.33 -12.89 -5.25
C GLN C 88 -1.20 -12.75 -5.32
N LEU C 89 -1.72 -11.67 -4.76
CA LEU C 89 -3.15 -11.46 -4.77
C LEU C 89 -3.70 -11.27 -6.19
N MET C 90 -2.87 -10.72 -7.07
CA MET C 90 -3.25 -10.47 -8.46
C MET C 90 -3.16 -11.72 -9.34
N THR C 91 -2.48 -12.75 -8.86
CA THR C 91 -2.30 -14.00 -9.62
C THR C 91 -2.87 -15.22 -8.92
N ASN C 92 -3.21 -15.09 -7.65
CA ASN C 92 -3.73 -16.20 -6.88
C ASN C 92 -2.71 -17.33 -6.80
N LYS C 93 -1.43 -16.94 -6.77
CA LYS C 93 -0.32 -17.87 -6.67
C LYS C 93 0.64 -17.39 -5.59
N HIS C 94 1.21 -18.32 -4.85
CA HIS C 94 2.13 -18.03 -3.76
C HIS C 94 3.51 -17.60 -4.22
N ILE C 95 4.06 -16.65 -3.48
CA ILE C 95 5.43 -16.17 -3.71
C ILE C 95 6.08 -16.31 -2.37
N ILE C 96 7.00 -17.27 -2.24
CA ILE C 96 7.69 -17.47 -0.98
C ILE C 96 8.81 -16.47 -0.85
N GLU C 97 8.64 -15.53 0.08
CA GLU C 97 9.61 -14.47 0.30
C GLU C 97 10.78 -14.92 1.16
N VAL C 98 11.97 -14.85 0.58
CA VAL C 98 13.19 -15.24 1.28
C VAL C 98 14.12 -14.03 1.42
N PHE C 99 13.89 -13.23 2.45
CA PHE C 99 14.71 -12.07 2.71
C PHE C 99 15.60 -12.34 3.91
N VAL C 100 16.84 -11.85 3.82
CA VAL C 100 17.81 -12.01 4.89
C VAL C 100 18.48 -10.66 5.13
N HIS C 101 18.21 -10.04 6.27
CA HIS C 101 18.81 -8.76 6.59
C HIS C 101 20.21 -9.02 7.13
N GLU C 102 21.17 -8.19 6.76
CA GLU C 102 22.53 -8.37 7.23
C GLU C 102 22.59 -8.22 8.75
N ASP C 103 21.66 -7.44 9.29
CA ASP C 103 21.58 -7.20 10.74
C ASP C 103 21.39 -8.46 11.55
N GLU C 104 20.97 -9.54 10.91
CA GLU C 104 20.72 -10.82 11.58
C GLU C 104 21.97 -11.61 11.89
N ALA C 105 23.01 -11.43 11.07
CA ALA C 105 24.26 -12.14 11.27
C ALA C 105 25.25 -11.26 12.03
N LYS C 106 26.22 -11.91 12.67
CA LYS C 106 27.24 -11.19 13.42
C LYS C 106 28.50 -11.03 12.58
N ASP C 107 28.54 -11.71 11.43
CA ASP C 107 29.66 -11.66 10.48
C ASP C 107 29.26 -12.21 9.10
N ASP C 108 30.19 -12.16 8.14
CA ASP C 108 29.89 -12.64 6.80
C ASP C 108 29.81 -14.18 6.72
N LYS C 109 30.51 -14.86 7.63
CA LYS C 109 30.46 -16.31 7.65
C LYS C 109 29.09 -16.74 8.09
N GLU C 110 28.57 -16.08 9.12
CA GLU C 110 27.25 -16.38 9.64
C GLU C 110 26.16 -15.93 8.69
N LEU C 111 26.36 -14.77 8.05
CA LEU C 111 25.38 -14.25 7.12
C LEU C 111 25.20 -15.22 5.95
N ASP C 112 26.31 -15.72 5.43
CA ASP C 112 26.28 -16.64 4.30
C ASP C 112 25.58 -17.93 4.73
N TRP C 113 25.89 -18.39 5.93
CA TRP C 113 25.28 -19.61 6.45
C TRP C 113 23.78 -19.43 6.63
N LEU C 114 23.42 -18.35 7.31
CA LEU C 114 22.02 -18.02 7.60
C LEU C 114 21.14 -17.91 6.36
N ALA C 115 21.61 -17.16 5.37
CA ALA C 115 20.86 -16.95 4.13
C ALA C 115 20.62 -18.25 3.37
N LYS C 116 21.67 -19.05 3.23
CA LYS C 116 21.55 -20.32 2.51
C LYS C 116 20.64 -21.29 3.25
N ARG C 117 20.75 -21.34 4.58
CA ARG C 117 19.93 -22.22 5.41
C ARG C 117 18.47 -21.80 5.27
N ARG C 118 18.21 -20.50 5.31
CA ARG C 118 16.84 -20.02 5.21
C ARG C 118 16.28 -20.28 3.83
N ALA C 119 17.09 -20.08 2.81
CA ALA C 119 16.67 -20.31 1.44
C ALA C 119 16.30 -21.78 1.29
N GLU C 120 17.18 -22.66 1.71
CA GLU C 120 16.96 -24.11 1.61
C GLU C 120 15.70 -24.56 2.36
N GLU C 121 15.52 -24.04 3.57
CA GLU C 121 14.35 -24.41 4.36
C GLU C 121 13.03 -23.95 3.71
N HIS C 122 13.03 -22.79 3.08
CA HIS C 122 11.83 -22.32 2.42
C HIS C 122 11.65 -23.08 1.12
N ALA C 123 12.73 -23.66 0.61
CA ALA C 123 12.66 -24.46 -0.59
C ALA C 123 11.84 -25.71 -0.26
N GLU C 124 11.91 -26.16 0.99
CA GLU C 124 11.14 -27.31 1.42
C GLU C 124 9.69 -26.88 1.53
N ASN C 125 9.46 -25.64 1.97
CA ASN C 125 8.08 -25.14 2.09
C ASN C 125 7.42 -25.08 0.71
N VAL C 126 8.21 -24.73 -0.30
CA VAL C 126 7.67 -24.66 -1.65
C VAL C 126 7.25 -26.08 -2.03
N TYR C 127 8.13 -27.02 -1.75
CA TYR C 127 7.87 -28.43 -2.04
C TYR C 127 6.57 -28.87 -1.41
N TYR C 128 6.46 -28.68 -0.10
CA TYR C 128 5.27 -29.07 0.65
C TYR C 128 4.01 -28.42 0.12
N LEU C 129 4.10 -27.13 -0.24
CA LEU C 129 2.94 -26.41 -0.77
C LEU C 129 2.50 -27.01 -2.09
N LEU C 130 3.46 -27.47 -2.88
CA LEU C 130 3.19 -28.06 -4.19
C LEU C 130 2.69 -29.50 -4.17
N PHE C 131 3.27 -30.34 -3.32
CA PHE C 131 2.89 -31.74 -3.31
C PHE C 131 2.29 -32.31 -2.01
N LYS C 132 2.68 -31.79 -0.87
CA LYS C 132 2.17 -32.31 0.40
C LYS C 132 1.59 -31.24 1.31
N PRO C 133 0.59 -30.50 0.82
CA PRO C 133 -0.03 -29.44 1.63
C PRO C 133 -0.48 -29.95 3.00
N GLU C 134 -0.73 -31.25 3.08
CA GLU C 134 -1.17 -31.89 4.31
C GLU C 134 -0.10 -31.85 5.38
N TYR C 135 1.17 -31.97 4.99
CA TYR C 135 2.25 -31.94 5.97
C TYR C 135 2.23 -30.66 6.78
N LEU C 136 2.18 -29.52 6.08
CA LEU C 136 2.15 -28.24 6.75
C LEU C 136 1.05 -28.16 7.83
N THR C 137 -0.11 -28.72 7.53
CA THR C 137 -1.20 -28.69 8.51
C THR C 137 -0.83 -29.49 9.76
N ARG C 138 -0.10 -30.59 9.55
CA ARG C 138 0.33 -31.44 10.65
C ARG C 138 1.24 -30.64 11.57
N MET C 139 1.92 -29.66 10.99
CA MET C 139 2.85 -28.82 11.73
C MET C 139 2.25 -27.49 12.11
N ALA C 140 0.95 -27.35 11.92
CA ALA C 140 0.27 -26.11 12.27
C ALA C 140 0.48 -25.75 13.74
N GLY C 141 0.93 -24.51 13.98
CA GLY C 141 1.12 -24.05 15.34
C GLY C 141 2.30 -24.63 16.08
N LYS C 142 3.26 -25.19 15.36
CA LYS C 142 4.43 -25.79 15.97
C LYS C 142 5.66 -24.88 16.03
N GLY C 143 5.47 -23.60 15.74
CA GLY C 143 6.55 -22.63 15.77
C GLY C 143 7.79 -22.96 14.96
N LEU C 144 7.61 -23.30 13.69
CA LEU C 144 8.74 -23.62 12.83
C LEU C 144 9.41 -22.33 12.30
N ARG C 145 10.70 -22.41 12.06
CA ARG C 145 11.46 -21.25 11.57
C ARG C 145 12.30 -21.63 10.39
N GLN C 146 12.76 -20.62 9.66
CA GLN C 146 13.62 -20.85 8.52
C GLN C 146 14.88 -20.02 8.80
N GLY C 147 16.03 -20.69 8.83
CA GLY C 147 17.29 -20.02 9.14
C GLY C 147 17.79 -20.52 10.50
N PHE C 148 17.43 -19.82 11.57
CA PHE C 148 17.85 -20.26 12.91
C PHE C 148 16.92 -21.37 13.38
N GLU C 149 17.33 -22.06 14.44
CA GLU C 149 16.57 -23.18 15.01
C GLU C 149 15.12 -22.84 15.24
N ASP C 150 14.27 -23.85 15.09
CA ASP C 150 12.85 -23.68 15.30
C ASP C 150 12.66 -23.18 16.73
N ALA C 151 11.50 -22.60 17.01
CA ALA C 151 11.20 -22.09 18.34
C ALA C 151 10.27 -23.07 19.03
N GLY C 152 9.55 -23.85 18.22
CA GLY C 152 8.63 -24.83 18.77
C GLY C 152 7.42 -24.21 19.43
N PRO C 153 6.43 -25.02 19.80
CA PRO C 153 5.21 -24.51 20.45
C PRO C 153 5.53 -23.95 21.84
N LYS D 3 -23.38 -23.39 4.41
CA LYS D 3 -22.35 -22.31 4.45
C LYS D 3 -20.95 -22.85 4.69
N LYS D 4 -19.96 -22.17 4.12
CA LYS D 4 -18.59 -22.64 4.27
C LYS D 4 -17.63 -21.61 4.81
N VAL D 5 -16.83 -22.05 5.77
CA VAL D 5 -15.82 -21.19 6.39
C VAL D 5 -14.48 -21.76 6.05
N GLY D 6 -13.55 -20.89 5.68
CA GLY D 6 -12.21 -21.33 5.39
C GLY D 6 -11.34 -20.91 6.57
N ILE D 7 -10.44 -21.78 7.00
CA ILE D 7 -9.56 -21.48 8.11
C ILE D 7 -8.11 -21.64 7.68
N VAL D 8 -7.37 -20.53 7.71
CA VAL D 8 -5.98 -20.56 7.31
C VAL D 8 -5.05 -20.22 8.46
N ASP D 9 -4.11 -21.12 8.76
CA ASP D 9 -3.17 -20.90 9.84
C ASP D 9 -1.74 -21.09 9.34
N THR D 10 -0.77 -21.08 10.25
CA THR D 10 0.63 -21.19 9.88
C THR D 10 1.47 -22.16 10.69
N THR D 11 2.63 -22.51 10.16
CA THR D 11 3.58 -23.40 10.84
C THR D 11 4.48 -22.54 11.73
N PHE D 12 4.49 -21.24 11.47
CA PHE D 12 5.32 -20.31 12.25
C PHE D 12 4.74 -20.08 13.65
N ALA D 13 3.41 -19.99 13.71
CA ALA D 13 2.72 -19.76 14.98
C ALA D 13 3.14 -20.78 16.03
N ARG D 14 3.30 -20.32 17.27
CA ARG D 14 3.71 -21.20 18.35
C ARG D 14 2.52 -21.73 19.12
N VAL D 15 1.33 -21.42 18.65
CA VAL D 15 0.11 -21.89 19.28
C VAL D 15 -0.89 -22.32 18.22
N ASP D 16 -1.56 -23.44 18.45
CA ASP D 16 -2.56 -23.98 17.51
C ASP D 16 -3.89 -23.30 17.79
N MET D 17 -4.22 -22.31 16.96
CA MET D 17 -5.47 -21.58 17.14
C MET D 17 -6.62 -22.14 16.33
N ALA D 18 -6.31 -22.89 15.29
CA ALA D 18 -7.35 -23.47 14.41
C ALA D 18 -8.29 -24.46 15.07
N SER D 19 -7.75 -25.39 15.84
CA SER D 19 -8.58 -26.40 16.48
C SER D 19 -9.70 -25.80 17.33
N ILE D 20 -9.36 -24.79 18.11
CA ILE D 20 -10.33 -24.13 18.98
C ILE D 20 -11.41 -23.41 18.18
N ALA D 21 -11.02 -22.80 17.06
CA ALA D 21 -11.96 -22.06 16.23
C ALA D 21 -12.96 -23.03 15.59
N ILE D 22 -12.41 -24.06 14.94
CA ILE D 22 -13.20 -25.06 14.26
C ILE D 22 -14.23 -25.68 15.21
N LYS D 23 -13.76 -26.06 16.39
CA LYS D 23 -14.64 -26.68 17.38
C LYS D 23 -15.77 -25.74 17.77
N LYS D 24 -15.46 -24.45 17.85
CA LYS D 24 -16.46 -23.48 18.23
C LYS D 24 -17.51 -23.31 17.14
N LEU D 25 -17.07 -23.32 15.89
CA LEU D 25 -18.01 -23.16 14.79
C LEU D 25 -18.94 -24.36 14.66
N LYS D 26 -18.37 -25.56 14.71
CA LYS D 26 -19.18 -26.77 14.60
C LYS D 26 -20.15 -26.84 15.76
N GLU D 27 -19.79 -26.22 16.87
CA GLU D 27 -20.63 -26.20 18.05
C GLU D 27 -21.85 -25.33 17.77
N LEU D 28 -21.61 -24.13 17.29
CA LEU D 28 -22.68 -23.19 16.97
C LEU D 28 -23.54 -23.65 15.80
N SER D 29 -22.91 -24.34 14.84
CA SER D 29 -23.60 -24.83 13.66
C SER D 29 -22.98 -26.19 13.31
N PRO D 30 -23.56 -27.28 13.84
CA PRO D 30 -23.03 -28.63 13.57
C PRO D 30 -22.76 -28.99 12.12
N ASN D 31 -23.60 -28.53 11.21
CA ASN D 31 -23.44 -28.89 9.82
C ASN D 31 -22.50 -28.03 8.96
N ILE D 32 -22.15 -26.83 9.44
CA ILE D 32 -21.27 -25.97 8.65
C ILE D 32 -20.05 -26.71 8.13
N LYS D 33 -19.73 -26.44 6.88
CA LYS D 33 -18.58 -27.05 6.23
C LYS D 33 -17.38 -26.17 6.53
N ILE D 34 -16.27 -26.82 6.83
CA ILE D 34 -15.03 -26.11 7.13
C ILE D 34 -13.89 -26.72 6.33
N ILE D 35 -13.04 -25.84 5.79
CA ILE D 35 -11.86 -26.24 5.03
C ILE D 35 -10.65 -25.56 5.65
N ARG D 36 -9.53 -26.28 5.75
CA ARG D 36 -8.31 -25.72 6.32
C ARG D 36 -7.18 -25.71 5.32
N LYS D 37 -6.24 -24.80 5.57
CA LYS D 37 -5.03 -24.67 4.76
C LYS D 37 -3.98 -24.03 5.64
N THR D 38 -2.82 -24.65 5.67
CA THR D 38 -1.74 -24.15 6.48
C THR D 38 -0.62 -23.70 5.57
N VAL D 39 -0.08 -22.52 5.84
CA VAL D 39 1.03 -21.98 5.06
C VAL D 39 2.20 -21.75 6.00
N PRO D 40 3.39 -21.44 5.47
CA PRO D 40 4.54 -21.23 6.34
C PRO D 40 4.32 -20.17 7.41
N GLY D 41 3.98 -18.96 6.97
CA GLY D 41 3.76 -17.90 7.93
C GLY D 41 2.84 -16.76 7.54
N ILE D 42 2.88 -15.74 8.38
CA ILE D 42 2.10 -14.53 8.25
C ILE D 42 1.90 -13.99 6.83
N LYS D 43 3.00 -13.76 6.13
CA LYS D 43 2.91 -13.20 4.79
C LYS D 43 2.38 -14.14 3.73
N ASP D 44 2.16 -15.40 4.07
CA ASP D 44 1.64 -16.35 3.10
C ASP D 44 0.13 -16.52 3.23
N LEU D 45 -0.46 -15.89 4.25
CA LEU D 45 -1.90 -15.98 4.49
C LEU D 45 -2.83 -15.30 3.47
N PRO D 46 -2.54 -14.06 3.06
CA PRO D 46 -3.39 -13.35 2.11
C PRO D 46 -3.83 -14.12 0.88
N VAL D 47 -2.89 -14.61 0.07
CA VAL D 47 -3.28 -15.34 -1.13
C VAL D 47 -3.96 -16.65 -0.81
N ALA D 48 -3.63 -17.25 0.33
CA ALA D 48 -4.26 -18.52 0.71
C ALA D 48 -5.70 -18.22 1.06
N CYS D 49 -5.91 -17.11 1.77
CA CYS D 49 -7.27 -16.73 2.13
C CYS D 49 -8.06 -16.40 0.86
N LYS D 50 -7.43 -15.68 -0.07
CA LYS D 50 -8.11 -15.30 -1.31
C LYS D 50 -8.47 -16.51 -2.16
N LYS D 51 -7.55 -17.46 -2.27
CA LYS D 51 -7.81 -18.67 -3.07
C LYS D 51 -9.00 -19.45 -2.48
N LEU D 52 -9.09 -19.48 -1.15
CA LEU D 52 -10.20 -20.18 -0.49
C LEU D 52 -11.52 -19.47 -0.79
N LEU D 53 -11.52 -18.14 -0.70
CA LEU D 53 -12.75 -17.38 -0.96
C LEU D 53 -13.24 -17.48 -2.41
N GLU D 54 -12.29 -17.46 -3.35
CA GLU D 54 -12.58 -17.50 -4.78
C GLU D 54 -12.52 -18.86 -5.48
N GLU D 55 -11.71 -19.78 -4.95
CA GLU D 55 -11.57 -21.08 -5.59
C GLU D 55 -12.18 -22.27 -4.86
N GLU D 56 -12.52 -22.08 -3.60
CA GLU D 56 -13.12 -23.17 -2.82
C GLU D 56 -14.53 -22.84 -2.32
N GLY D 57 -15.08 -21.73 -2.77
CA GLY D 57 -16.42 -21.36 -2.35
C GLY D 57 -16.62 -20.95 -0.90
N CYS D 58 -15.57 -20.55 -0.20
CA CYS D 58 -15.76 -20.14 1.17
C CYS D 58 -16.52 -18.82 1.21
N ASP D 59 -17.48 -18.74 2.11
CA ASP D 59 -18.29 -17.54 2.28
C ASP D 59 -17.52 -16.55 3.12
N ILE D 60 -16.66 -17.07 3.98
CA ILE D 60 -15.87 -16.23 4.86
C ILE D 60 -14.63 -17.02 5.26
N VAL D 61 -13.57 -16.34 5.67
CA VAL D 61 -12.33 -16.99 6.06
C VAL D 61 -11.74 -16.41 7.36
N MET D 62 -11.10 -17.28 8.15
CA MET D 62 -10.44 -16.86 9.38
C MET D 62 -8.96 -17.00 9.11
N ALA D 63 -8.19 -15.94 9.41
CA ALA D 63 -6.74 -15.95 9.23
C ALA D 63 -6.10 -15.96 10.60
N LEU D 64 -5.35 -17.02 10.90
CA LEU D 64 -4.72 -17.18 12.19
C LEU D 64 -3.22 -17.02 12.11
N GLY D 65 -2.67 -16.06 12.84
CA GLY D 65 -1.24 -15.84 12.78
C GLY D 65 -0.65 -15.32 14.07
N MET D 66 0.64 -15.50 14.22
CA MET D 66 1.31 -15.06 15.42
C MET D 66 2.61 -14.36 15.13
N PRO D 67 2.59 -13.02 15.16
CA PRO D 67 3.79 -12.23 14.92
C PRO D 67 4.89 -12.57 15.92
N GLY D 68 6.14 -12.45 15.50
CA GLY D 68 7.24 -12.73 16.41
C GLY D 68 7.39 -11.56 17.35
N LYS D 69 8.43 -11.60 18.18
CA LYS D 69 8.69 -10.54 19.16
C LYS D 69 9.43 -9.33 18.56
N ALA D 70 10.40 -9.60 17.70
CA ALA D 70 11.22 -8.55 17.09
C ALA D 70 10.42 -7.36 16.58
N GLU D 71 11.10 -6.22 16.41
CA GLU D 71 10.44 -5.01 15.91
C GLU D 71 10.11 -5.13 14.43
N LYS D 72 10.78 -6.05 13.73
CA LYS D 72 10.56 -6.25 12.31
C LYS D 72 9.37 -7.18 12.04
N ASP D 73 9.08 -8.06 13.00
CA ASP D 73 7.95 -8.96 12.85
C ASP D 73 6.72 -8.07 12.84
N LYS D 74 6.82 -6.91 13.48
CA LYS D 74 5.70 -5.98 13.51
C LYS D 74 5.47 -5.47 12.11
N VAL D 75 6.55 -5.33 11.34
CA VAL D 75 6.45 -4.84 9.99
C VAL D 75 5.83 -5.95 9.14
N CYS D 76 6.32 -7.18 9.30
CA CYS D 76 5.76 -8.30 8.54
C CYS D 76 4.27 -8.43 8.83
N ALA D 77 3.90 -8.31 10.10
CA ALA D 77 2.50 -8.41 10.49
C ALA D 77 1.69 -7.35 9.75
N HIS D 78 2.16 -6.11 9.79
CA HIS D 78 1.51 -4.99 9.13
C HIS D 78 1.34 -5.26 7.64
N GLU D 79 2.36 -5.85 7.01
CA GLU D 79 2.29 -6.12 5.59
C GLU D 79 1.27 -7.23 5.37
N ALA D 80 1.26 -8.21 6.26
CA ALA D 80 0.33 -9.33 6.15
C ALA D 80 -1.10 -8.82 6.29
N SER D 81 -1.33 -7.94 7.27
CA SER D 81 -2.66 -7.40 7.50
C SER D 81 -3.14 -6.60 6.30
N LEU D 82 -2.23 -5.90 5.64
CA LEU D 82 -2.59 -5.11 4.46
C LEU D 82 -3.05 -6.07 3.37
N GLY D 83 -2.36 -7.21 3.26
CA GLY D 83 -2.74 -8.20 2.26
C GLY D 83 -4.14 -8.72 2.55
N LEU D 84 -4.44 -8.95 3.82
CA LEU D 84 -5.76 -9.44 4.20
C LEU D 84 -6.84 -8.42 3.86
N MET D 85 -6.53 -7.14 4.08
CA MET D 85 -7.48 -6.07 3.79
C MET D 85 -7.79 -6.09 2.28
N LEU D 86 -6.74 -6.19 1.47
CA LEU D 86 -6.92 -6.19 0.03
C LEU D 86 -7.65 -7.41 -0.51
N ALA D 87 -7.37 -8.57 0.05
CA ALA D 87 -8.03 -9.79 -0.40
C ALA D 87 -9.53 -9.66 -0.24
N GLN D 88 -9.93 -9.05 0.87
CA GLN D 88 -11.34 -8.86 1.18
C GLN D 88 -11.99 -7.90 0.18
N LEU D 89 -11.34 -6.77 -0.06
CA LEU D 89 -11.89 -5.80 -1.00
C LEU D 89 -11.99 -6.34 -2.42
N MET D 90 -11.10 -7.27 -2.77
CA MET D 90 -11.09 -7.87 -4.08
C MET D 90 -12.10 -8.99 -4.26
N THR D 91 -12.65 -9.50 -3.16
CA THR D 91 -13.63 -10.59 -3.20
C THR D 91 -14.98 -10.21 -2.58
N ASN D 92 -15.03 -9.08 -1.90
CA ASN D 92 -16.25 -8.64 -1.26
C ASN D 92 -16.70 -9.66 -0.23
N LYS D 93 -15.72 -10.30 0.42
CA LYS D 93 -15.98 -11.28 1.46
C LYS D 93 -15.07 -10.97 2.65
N HIS D 94 -15.60 -11.18 3.85
CA HIS D 94 -14.86 -10.90 5.07
C HIS D 94 -13.79 -11.93 5.39
N ILE D 95 -12.69 -11.43 5.95
CA ILE D 95 -11.59 -12.26 6.41
C ILE D 95 -11.38 -11.82 7.85
N ILE D 96 -11.74 -12.68 8.79
CA ILE D 96 -11.57 -12.35 10.19
C ILE D 96 -10.12 -12.59 10.60
N GLU D 97 -9.40 -11.50 10.86
CA GLU D 97 -8.00 -11.57 11.22
C GLU D 97 -7.79 -11.89 12.69
N VAL D 98 -7.11 -13.01 12.94
CA VAL D 98 -6.84 -13.45 14.31
C VAL D 98 -5.33 -13.50 14.54
N PHE D 99 -4.76 -12.36 14.89
CA PHE D 99 -3.34 -12.26 15.16
C PHE D 99 -3.12 -12.11 16.64
N VAL D 100 -2.07 -12.76 17.13
CA VAL D 100 -1.71 -12.72 18.54
C VAL D 100 -0.22 -12.50 18.63
N HIS D 101 0.17 -11.32 19.10
CA HIS D 101 1.59 -11.00 19.26
C HIS D 101 2.06 -11.63 20.56
N GLU D 102 3.28 -12.17 20.56
CA GLU D 102 3.81 -12.79 21.76
C GLU D 102 3.96 -11.75 22.85
N ASP D 103 4.16 -10.50 22.46
CA ASP D 103 4.33 -9.38 23.38
C ASP D 103 3.13 -9.18 24.31
N GLU D 104 1.99 -9.76 23.96
CA GLU D 104 0.78 -9.61 24.75
C GLU D 104 0.74 -10.49 25.99
N ALA D 105 1.42 -11.62 25.92
CA ALA D 105 1.44 -12.55 27.04
C ALA D 105 2.69 -12.34 27.89
N LYS D 106 2.63 -12.77 29.13
CA LYS D 106 3.77 -12.62 30.03
C LYS D 106 4.55 -13.93 30.09
N ASP D 107 4.00 -14.98 29.47
CA ASP D 107 4.61 -16.31 29.43
C ASP D 107 3.87 -17.18 28.39
N ASP D 108 4.41 -18.36 28.10
CA ASP D 108 3.82 -19.28 27.13
C ASP D 108 2.48 -19.84 27.56
N LYS D 109 2.29 -19.98 28.87
CA LYS D 109 1.03 -20.50 29.39
C LYS D 109 -0.06 -19.48 29.10
N GLU D 110 0.25 -18.21 29.32
CA GLU D 110 -0.70 -17.13 29.06
C GLU D 110 -0.87 -16.92 27.55
N LEU D 111 0.22 -17.07 26.80
CA LEU D 111 0.18 -16.89 25.36
C LEU D 111 -0.75 -17.91 24.74
N ASP D 112 -0.60 -19.16 25.16
CA ASP D 112 -1.41 -20.25 24.65
C ASP D 112 -2.87 -20.00 24.99
N TRP D 113 -3.12 -19.55 26.21
CA TRP D 113 -4.47 -19.27 26.65
C TRP D 113 -5.07 -18.12 25.86
N LEU D 114 -4.34 -17.03 25.77
CA LEU D 114 -4.76 -15.83 25.06
C LEU D 114 -5.09 -16.07 23.59
N ALA D 115 -4.21 -16.76 22.88
CA ALA D 115 -4.42 -17.03 21.47
C ALA D 115 -5.65 -17.89 21.23
N LYS D 116 -5.81 -18.95 21.99
CA LYS D 116 -6.95 -19.84 21.85
C LYS D 116 -8.25 -19.12 22.19
N ARG D 117 -8.22 -18.32 23.24
CA ARG D 117 -9.38 -17.57 23.67
C ARG D 117 -9.79 -16.55 22.59
N ARG D 118 -8.81 -15.92 21.97
CA ARG D 118 -9.11 -14.92 20.96
C ARG D 118 -9.63 -15.59 19.71
N ALA D 119 -9.02 -16.71 19.35
CA ALA D 119 -9.45 -17.47 18.18
C ALA D 119 -10.91 -17.90 18.35
N GLU D 120 -11.20 -18.50 19.50
CA GLU D 120 -12.56 -18.97 19.79
C GLU D 120 -13.57 -17.83 19.78
N GLU D 121 -13.22 -16.69 20.37
CA GLU D 121 -14.15 -15.55 20.39
C GLU D 121 -14.43 -14.98 19.00
N HIS D 122 -13.43 -14.97 18.12
CA HIS D 122 -13.64 -14.47 16.78
C HIS D 122 -14.39 -15.52 15.98
N ALA D 123 -14.35 -16.76 16.45
CA ALA D 123 -15.06 -17.85 15.79
C ALA D 123 -16.54 -17.57 15.96
N GLU D 124 -16.90 -16.95 17.08
CA GLU D 124 -18.29 -16.59 17.36
C GLU D 124 -18.66 -15.44 16.44
N ASN D 125 -17.71 -14.53 16.20
CA ASN D 125 -17.98 -13.40 15.31
C ASN D 125 -18.25 -13.90 13.91
N VAL D 126 -17.53 -14.93 13.50
CA VAL D 126 -17.76 -15.49 12.16
C VAL D 126 -19.20 -15.99 12.12
N TYR D 127 -19.57 -16.72 13.18
CA TYR D 127 -20.91 -17.28 13.29
C TYR D 127 -21.96 -16.19 13.15
N TYR D 128 -21.84 -15.15 13.98
CA TYR D 128 -22.79 -14.04 13.97
C TYR D 128 -22.86 -13.36 12.61
N LEU D 129 -21.72 -13.19 11.97
CA LEU D 129 -21.68 -12.55 10.66
C LEU D 129 -22.42 -13.39 9.62
N LEU D 130 -22.32 -14.70 9.77
CA LEU D 130 -22.97 -15.64 8.85
C LEU D 130 -24.46 -15.86 9.07
N PHE D 131 -24.89 -15.95 10.33
CA PHE D 131 -26.30 -16.22 10.60
C PHE D 131 -27.09 -15.18 11.39
N LYS D 132 -26.44 -14.46 12.29
CA LYS D 132 -27.15 -13.47 13.09
C LYS D 132 -26.53 -12.08 13.06
N PRO D 133 -26.38 -11.50 11.87
CA PRO D 133 -25.81 -10.17 11.73
C PRO D 133 -26.49 -9.16 12.65
N GLU D 134 -27.73 -9.44 13.00
CA GLU D 134 -28.50 -8.56 13.88
C GLU D 134 -27.92 -8.50 15.29
N TYR D 135 -27.36 -9.61 15.77
CA TYR D 135 -26.80 -9.62 17.11
C TYR D 135 -25.71 -8.57 17.25
N LEU D 136 -24.75 -8.58 16.31
CA LEU D 136 -23.66 -7.63 16.35
C LEU D 136 -24.15 -6.17 16.48
N THR D 137 -25.23 -5.84 15.78
CA THR D 137 -25.77 -4.49 15.84
C THR D 137 -26.27 -4.18 17.25
N ARG D 138 -26.84 -5.18 17.90
CA ARG D 138 -27.35 -5.02 19.25
C ARG D 138 -26.20 -4.69 20.19
N MET D 139 -25.01 -5.16 19.83
CA MET D 139 -23.82 -4.93 20.64
C MET D 139 -22.97 -3.78 20.10
N ALA D 140 -23.52 -3.04 19.15
CA ALA D 140 -22.80 -1.90 18.58
C ALA D 140 -22.35 -0.89 19.63
N GLY D 141 -21.08 -0.51 19.53
CA GLY D 141 -20.50 0.45 20.45
C GLY D 141 -20.77 0.14 21.90
N LYS D 142 -20.88 -1.14 22.22
CA LYS D 142 -21.18 -1.53 23.58
C LYS D 142 -19.96 -1.58 24.52
N GLY D 143 -20.10 -0.84 25.62
CA GLY D 143 -19.06 -0.74 26.62
C GLY D 143 -19.01 0.69 27.09
N THR E 2 13.80 -1.15 -32.62
CA THR E 2 13.35 -2.22 -31.69
C THR E 2 13.85 -1.94 -30.28
N LYS E 3 12.95 -2.07 -29.31
CA LYS E 3 13.24 -1.80 -27.91
C LYS E 3 13.24 -0.31 -27.70
N LYS E 4 12.35 0.11 -26.81
CA LYS E 4 12.15 1.51 -26.51
C LYS E 4 12.27 1.72 -25.00
N VAL E 5 13.08 2.69 -24.60
CA VAL E 5 13.28 2.98 -23.19
C VAL E 5 12.67 4.33 -22.82
N GLY E 6 11.86 4.36 -21.77
CA GLY E 6 11.27 5.61 -21.35
C GLY E 6 12.07 6.16 -20.18
N ILE E 7 12.37 7.46 -20.20
CA ILE E 7 13.11 8.10 -19.12
C ILE E 7 12.32 9.26 -18.52
N VAL E 8 11.97 9.13 -17.25
CA VAL E 8 11.19 10.15 -16.58
C VAL E 8 11.96 10.77 -15.42
N ASP E 9 12.11 12.09 -15.47
CA ASP E 9 12.83 12.79 -14.42
C ASP E 9 11.98 13.94 -13.91
N THR E 10 12.56 14.76 -13.04
CA THR E 10 11.82 15.86 -12.42
C THR E 10 12.49 17.24 -12.45
N THR E 11 11.72 18.28 -12.17
CA THR E 11 12.24 19.64 -12.11
C THR E 11 12.69 19.91 -10.67
N PHE E 12 12.23 19.05 -9.75
CA PHE E 12 12.57 19.19 -8.33
C PHE E 12 14.02 18.77 -8.07
N ALA E 13 14.45 17.72 -8.76
CA ALA E 13 15.81 17.20 -8.59
C ALA E 13 16.83 18.29 -8.80
N ARG E 14 17.88 18.28 -7.98
CA ARG E 14 18.93 19.28 -8.07
C ARG E 14 20.09 18.80 -8.94
N VAL E 15 19.92 17.64 -9.56
CA VAL E 15 20.96 17.09 -10.43
C VAL E 15 20.29 16.46 -11.65
N ASP E 16 20.88 16.71 -12.82
CA ASP E 16 20.37 16.17 -14.08
C ASP E 16 20.89 14.74 -14.24
N MET E 17 20.05 13.76 -13.96
CA MET E 17 20.48 12.37 -14.07
C MET E 17 20.14 11.75 -15.42
N ALA E 18 19.17 12.33 -16.11
CA ALA E 18 18.73 11.81 -17.40
C ALA E 18 19.78 11.81 -18.51
N SER E 19 20.51 12.91 -18.66
CA SER E 19 21.52 13.00 -19.70
C SER E 19 22.54 11.85 -19.64
N ILE E 20 23.04 11.58 -18.45
CA ILE E 20 24.01 10.52 -18.26
C ILE E 20 23.46 9.13 -18.59
N ALA E 21 22.20 8.90 -18.23
CA ALA E 21 21.57 7.61 -18.48
C ALA E 21 21.38 7.40 -19.98
N ILE E 22 20.81 8.39 -20.63
CA ILE E 22 20.54 8.34 -22.06
C ILE E 22 21.81 8.07 -22.85
N LYS E 23 22.87 8.80 -22.51
CA LYS E 23 24.15 8.64 -23.18
C LYS E 23 24.69 7.22 -23.00
N LYS E 24 24.47 6.67 -21.80
CA LYS E 24 24.95 5.33 -21.53
C LYS E 24 24.19 4.29 -22.35
N LEU E 25 22.89 4.46 -22.48
CA LEU E 25 22.09 3.51 -23.25
C LEU E 25 22.43 3.57 -24.74
N LYS E 26 22.50 4.76 -25.30
CA LYS E 26 22.83 4.90 -26.72
C LYS E 26 24.22 4.34 -26.98
N GLU E 27 25.07 4.36 -25.97
CA GLU E 27 26.42 3.85 -26.06
C GLU E 27 26.38 2.34 -26.19
N LEU E 28 25.63 1.72 -25.29
CA LEU E 28 25.49 0.26 -25.28
C LEU E 28 24.58 -0.26 -26.42
N SER E 29 23.65 0.59 -26.88
CA SER E 29 22.73 0.20 -27.95
C SER E 29 22.40 1.40 -28.87
N PRO E 30 23.30 1.73 -29.82
CA PRO E 30 23.13 2.87 -30.73
C PRO E 30 21.75 3.05 -31.36
N ASN E 31 21.08 1.95 -31.70
CA ASN E 31 19.77 2.04 -32.32
C ASN E 31 18.63 1.98 -31.30
N ILE E 32 18.99 2.02 -30.02
CA ILE E 32 17.97 1.99 -28.98
C ILE E 32 17.09 3.21 -29.15
N LYS E 33 15.79 3.07 -28.96
CA LYS E 33 14.88 4.20 -29.10
C LYS E 33 14.55 4.73 -27.71
N ILE E 34 14.46 6.04 -27.57
CA ILE E 34 14.17 6.59 -26.27
C ILE E 34 13.35 7.86 -26.27
N ILE E 35 12.46 7.97 -25.28
CA ILE E 35 11.64 9.16 -25.12
C ILE E 35 11.78 9.61 -23.66
N ARG E 36 11.64 10.91 -23.45
CA ARG E 36 11.75 11.51 -22.14
C ARG E 36 10.48 12.24 -21.76
N LYS E 37 10.29 12.40 -20.46
CA LYS E 37 9.16 13.15 -19.92
C LYS E 37 9.59 13.66 -18.56
N THR E 38 9.37 14.94 -18.34
CA THR E 38 9.75 15.56 -17.09
C THR E 38 8.49 16.01 -16.37
N VAL E 39 8.42 15.72 -15.07
CA VAL E 39 7.27 16.12 -14.27
C VAL E 39 7.80 16.98 -13.13
N PRO E 40 6.91 17.63 -12.38
CA PRO E 40 7.37 18.47 -11.28
C PRO E 40 8.27 17.75 -10.29
N GLY E 41 7.77 16.65 -9.71
CA GLY E 41 8.56 15.95 -8.73
C GLY E 41 8.27 14.47 -8.52
N ILE E 42 8.89 13.95 -7.48
CA ILE E 42 8.80 12.57 -7.05
C ILE E 42 7.42 11.90 -7.17
N LYS E 43 6.39 12.50 -6.58
CA LYS E 43 5.07 11.92 -6.63
C LYS E 43 4.37 11.97 -7.98
N ASP E 44 4.95 12.68 -8.95
CA ASP E 44 4.34 12.76 -10.26
C ASP E 44 4.91 11.71 -11.21
N LEU E 45 5.95 11.01 -10.75
CA LEU E 45 6.60 9.99 -11.59
C LEU E 45 5.81 8.73 -11.94
N PRO E 46 5.14 8.11 -10.96
CA PRO E 46 4.37 6.89 -11.20
C PRO E 46 3.44 6.88 -12.42
N VAL E 47 2.50 7.82 -12.49
CA VAL E 47 1.58 7.83 -13.62
C VAL E 47 2.28 8.20 -14.91
N ALA E 48 3.36 8.98 -14.83
CA ALA E 48 4.10 9.36 -16.02
C ALA E 48 4.81 8.11 -16.55
N CYS E 49 5.37 7.32 -15.63
CA CYS E 49 6.04 6.09 -16.01
C CYS E 49 5.00 5.12 -16.61
N LYS E 50 3.84 5.01 -15.97
CA LYS E 50 2.81 4.10 -16.45
C LYS E 50 2.29 4.47 -17.84
N LYS E 51 2.06 5.76 -18.07
CA LYS E 51 1.58 6.24 -19.38
C LYS E 51 2.60 5.89 -20.45
N LEU E 52 3.88 6.03 -20.12
CA LEU E 52 4.94 5.71 -21.09
C LEU E 52 4.94 4.23 -21.42
N LEU E 53 4.81 3.38 -20.40
CA LEU E 53 4.79 1.92 -20.61
C LEU E 53 3.56 1.46 -21.42
N GLU E 54 2.40 2.02 -21.11
CA GLU E 54 1.15 1.66 -21.77
C GLU E 54 0.69 2.48 -22.98
N GLU E 55 1.10 3.74 -23.05
CA GLU E 55 0.66 4.61 -24.14
C GLU E 55 1.72 4.98 -25.17
N GLU E 56 2.99 4.77 -24.84
CA GLU E 56 4.06 5.09 -25.78
C GLU E 56 4.88 3.88 -26.20
N GLY E 57 4.45 2.69 -25.80
CA GLY E 57 5.15 1.48 -26.17
C GLY E 57 6.52 1.24 -25.54
N CYS E 58 6.83 1.90 -24.43
CA CYS E 58 8.11 1.67 -23.81
C CYS E 58 8.14 0.24 -23.25
N ASP E 59 9.27 -0.44 -23.45
CA ASP E 59 9.45 -1.80 -22.97
C ASP E 59 9.88 -1.73 -21.53
N ILE E 60 10.53 -0.64 -21.16
CA ILE E 60 10.99 -0.45 -19.80
C ILE E 60 11.14 1.04 -19.55
N VAL E 61 11.11 1.46 -18.29
CA VAL E 61 11.25 2.87 -17.94
C VAL E 61 12.20 3.11 -16.78
N MET E 62 12.90 4.24 -16.84
CA MET E 62 13.81 4.65 -15.76
C MET E 62 13.17 5.84 -15.06
N ALA E 63 13.09 5.79 -13.74
CA ALA E 63 12.49 6.86 -12.95
C ALA E 63 13.60 7.54 -12.17
N LEU E 64 13.86 8.80 -12.47
CA LEU E 64 14.91 9.55 -11.81
C LEU E 64 14.36 10.59 -10.86
N GLY E 65 14.73 10.49 -9.58
CA GLY E 65 14.24 11.44 -8.62
C GLY E 65 15.19 11.71 -7.48
N MET E 66 14.92 12.79 -6.78
CA MET E 66 15.78 13.16 -5.66
C MET E 66 14.98 13.64 -4.45
N PRO E 67 14.81 12.76 -3.45
CA PRO E 67 14.06 13.18 -2.26
C PRO E 67 14.87 14.31 -1.63
N GLY E 68 14.21 15.24 -0.96
CA GLY E 68 14.95 16.33 -0.34
C GLY E 68 15.44 15.94 1.04
N LYS E 69 16.06 16.88 1.75
CA LYS E 69 16.58 16.59 3.07
C LYS E 69 15.46 16.21 4.03
N ALA E 70 14.62 17.17 4.43
CA ALA E 70 13.51 16.92 5.36
C ALA E 70 13.02 15.47 5.44
N GLU E 71 12.63 15.03 6.63
CA GLU E 71 12.15 13.67 6.78
C GLU E 71 10.76 13.57 6.15
N LYS E 72 10.15 14.74 5.95
CA LYS E 72 8.84 14.79 5.30
C LYS E 72 9.09 14.19 3.91
N ASP E 73 10.21 14.58 3.31
CA ASP E 73 10.61 14.11 2.01
C ASP E 73 10.71 12.57 1.96
N LYS E 74 11.21 11.98 3.05
CA LYS E 74 11.36 10.55 3.12
C LYS E 74 10.00 9.87 2.94
N VAL E 75 8.97 10.50 3.46
CA VAL E 75 7.62 9.95 3.33
C VAL E 75 7.18 10.08 1.87
N CYS E 76 7.38 11.25 1.27
CA CYS E 76 7.01 11.45 -0.13
C CYS E 76 7.73 10.44 -1.01
N ALA E 77 9.02 10.24 -0.75
CA ALA E 77 9.82 9.28 -1.51
C ALA E 77 9.17 7.89 -1.42
N HIS E 78 8.90 7.46 -0.19
CA HIS E 78 8.27 6.17 0.08
C HIS E 78 6.94 6.03 -0.68
N GLU E 79 6.15 7.09 -0.70
CA GLU E 79 4.87 7.06 -1.39
C GLU E 79 5.13 6.97 -2.89
N ALA E 80 6.12 7.70 -3.36
CA ALA E 80 6.46 7.68 -4.77
C ALA E 80 6.92 6.29 -5.19
N SER E 81 7.77 5.68 -4.37
CA SER E 81 8.29 4.34 -4.66
C SER E 81 7.17 3.33 -4.70
N LEU E 82 6.18 3.47 -3.83
CA LEU E 82 5.04 2.57 -3.81
C LEU E 82 4.30 2.70 -5.13
N GLY E 83 4.20 3.92 -5.63
CA GLY E 83 3.52 4.16 -6.90
C GLY E 83 4.25 3.44 -8.02
N LEU E 84 5.58 3.50 -7.99
CA LEU E 84 6.40 2.85 -9.00
C LEU E 84 6.22 1.34 -8.94
N MET E 85 6.13 0.80 -7.74
CA MET E 85 5.96 -0.65 -7.58
C MET E 85 4.64 -1.06 -8.21
N LEU E 86 3.59 -0.30 -7.95
CA LEU E 86 2.27 -0.59 -8.49
C LEU E 86 2.15 -0.46 -9.98
N ALA E 87 2.81 0.56 -10.55
CA ALA E 87 2.76 0.80 -11.98
C ALA E 87 3.32 -0.40 -12.73
N GLN E 88 4.37 -0.99 -12.16
CA GLN E 88 5.04 -2.16 -12.72
C GLN E 88 4.13 -3.39 -12.68
N LEU E 89 3.53 -3.63 -11.52
CA LEU E 89 2.67 -4.79 -11.39
C LEU E 89 1.44 -4.69 -12.29
N MET E 90 1.02 -3.47 -12.58
CA MET E 90 -0.15 -3.24 -13.42
C MET E 90 0.16 -3.31 -14.92
N THR E 91 1.44 -3.28 -15.28
CA THR E 91 1.85 -3.34 -16.68
C THR E 91 2.75 -4.53 -16.99
N ASN E 92 3.23 -5.20 -15.95
CA ASN E 92 4.13 -6.34 -16.13
C ASN E 92 5.39 -5.89 -16.86
N LYS E 93 5.80 -4.66 -16.57
CA LYS E 93 7.01 -4.10 -17.14
C LYS E 93 7.85 -3.46 -16.03
N HIS E 94 9.15 -3.58 -16.14
CA HIS E 94 10.07 -3.05 -15.13
C HIS E 94 10.23 -1.53 -15.19
N ILE E 95 10.37 -0.94 -14.00
CA ILE E 95 10.61 0.48 -13.85
C ILE E 95 11.82 0.56 -12.95
N ILE E 96 12.95 0.92 -13.51
CA ILE E 96 14.19 1.01 -12.75
C ILE E 96 14.20 2.31 -11.97
N GLU E 97 14.08 2.20 -10.64
CA GLU E 97 14.02 3.36 -9.78
C GLU E 97 15.39 3.90 -9.45
N VAL E 98 15.63 5.16 -9.83
CA VAL E 98 16.90 5.81 -9.59
C VAL E 98 16.69 7.02 -8.69
N PHE E 99 16.67 6.78 -7.39
CA PHE E 99 16.51 7.84 -6.41
C PHE E 99 17.84 8.10 -5.73
N VAL E 100 18.09 9.36 -5.44
CA VAL E 100 19.31 9.77 -4.78
C VAL E 100 18.94 10.79 -3.71
N HIS E 101 19.08 10.40 -2.45
CA HIS E 101 18.77 11.29 -1.33
C HIS E 101 19.97 12.21 -1.14
N GLU E 102 19.71 13.47 -0.85
CA GLU E 102 20.80 14.42 -0.63
C GLU E 102 21.62 14.01 0.58
N ASP E 103 20.99 13.30 1.51
CA ASP E 103 21.63 12.84 2.74
C ASP E 103 22.80 11.91 2.49
N GLU E 104 22.90 11.38 1.27
CA GLU E 104 23.96 10.47 0.92
C GLU E 104 25.29 11.15 0.61
N ALA E 105 25.21 12.38 0.13
CA ALA E 105 26.42 13.11 -0.21
C ALA E 105 26.82 14.04 0.94
N LYS E 106 28.10 14.42 0.96
CA LYS E 106 28.60 15.30 2.00
C LYS E 106 28.64 16.73 1.46
N ASP E 107 28.43 16.86 0.16
CA ASP E 107 28.42 18.16 -0.50
C ASP E 107 27.81 18.00 -1.90
N ASP E 108 27.56 19.12 -2.57
CA ASP E 108 26.96 19.11 -3.90
C ASP E 108 27.88 18.49 -4.93
N LYS E 109 29.19 18.71 -4.79
CA LYS E 109 30.13 18.13 -5.73
C LYS E 109 29.90 16.63 -5.69
N GLU E 110 29.86 16.08 -4.48
CA GLU E 110 29.66 14.64 -4.31
C GLU E 110 28.24 14.20 -4.70
N LEU E 111 27.25 15.03 -4.39
CA LEU E 111 25.87 14.70 -4.72
C LEU E 111 25.70 14.58 -6.24
N ASP E 112 26.29 15.54 -6.96
CA ASP E 112 26.20 15.53 -8.40
C ASP E 112 26.90 14.30 -8.96
N TRP E 113 28.06 13.99 -8.41
CA TRP E 113 28.82 12.82 -8.85
C TRP E 113 28.04 11.54 -8.58
N LEU E 114 27.58 11.40 -7.34
CA LEU E 114 26.84 10.23 -6.90
C LEU E 114 25.58 9.94 -7.72
N ALA E 115 24.77 10.97 -7.95
CA ALA E 115 23.53 10.82 -8.71
C ALA E 115 23.80 10.39 -10.15
N LYS E 116 24.74 11.04 -10.80
CA LYS E 116 25.07 10.70 -12.19
C LYS E 116 25.65 9.29 -12.30
N ARG E 117 26.52 8.93 -11.36
CA ARG E 117 27.14 7.61 -11.36
C ARG E 117 26.07 6.54 -11.13
N ARG E 118 25.13 6.81 -10.23
CA ARG E 118 24.09 5.83 -9.97
C ARG E 118 23.14 5.70 -11.16
N ALA E 119 22.83 6.83 -11.79
CA ALA E 119 21.95 6.83 -12.95
C ALA E 119 22.59 6.02 -14.07
N GLU E 120 23.86 6.30 -14.33
CA GLU E 120 24.60 5.62 -15.38
C GLU E 120 24.69 4.11 -15.15
N GLU E 121 24.98 3.72 -13.91
CA GLU E 121 25.07 2.30 -13.57
C GLU E 121 23.74 1.57 -13.73
N HIS E 122 22.63 2.23 -13.40
CA HIS E 122 21.33 1.59 -13.56
C HIS E 122 20.96 1.59 -15.03
N ALA E 123 21.59 2.46 -15.80
CA ALA E 123 21.34 2.51 -17.24
C ALA E 123 21.89 1.22 -17.84
N GLU E 124 22.96 0.70 -17.23
CA GLU E 124 23.55 -0.55 -17.68
C GLU E 124 22.61 -1.68 -17.31
N ASN E 125 21.97 -1.56 -16.14
CA ASN E 125 21.03 -2.60 -15.70
C ASN E 125 19.85 -2.67 -16.67
N VAL E 126 19.44 -1.51 -17.18
CA VAL E 126 18.33 -1.49 -18.12
C VAL E 126 18.79 -2.27 -19.36
N TYR E 127 20.01 -1.98 -19.78
CA TYR E 127 20.58 -2.62 -20.94
C TYR E 127 20.57 -4.12 -20.79
N TYR E 128 21.15 -4.59 -19.68
CA TYR E 128 21.23 -6.01 -19.39
C TYR E 128 19.86 -6.66 -19.32
N LEU E 129 18.89 -5.97 -18.72
CA LEU E 129 17.54 -6.51 -18.62
C LEU E 129 16.91 -6.68 -20.00
N LEU E 130 17.21 -5.75 -20.90
CA LEU E 130 16.68 -5.77 -22.26
C LEU E 130 17.36 -6.73 -23.22
N PHE E 131 18.68 -6.86 -23.15
CA PHE E 131 19.38 -7.72 -24.10
C PHE E 131 20.20 -8.89 -23.54
N LYS E 132 20.73 -8.74 -22.33
CA LYS E 132 21.55 -9.81 -21.76
C LYS E 132 21.12 -10.22 -20.35
N PRO E 133 19.85 -10.62 -20.20
CA PRO E 133 19.35 -11.03 -18.88
C PRO E 133 20.26 -12.07 -18.23
N GLU E 134 20.99 -12.81 -19.06
CA GLU E 134 21.89 -13.85 -18.57
C GLU E 134 23.06 -13.28 -17.78
N TYR E 135 23.52 -12.10 -18.14
CA TYR E 135 24.63 -11.50 -17.42
C TYR E 135 24.28 -11.30 -15.95
N LEU E 136 23.13 -10.70 -15.69
CA LEU E 136 22.69 -10.46 -14.32
C LEU E 136 22.71 -11.73 -13.47
N THR E 137 22.32 -12.86 -14.06
CA THR E 137 22.31 -14.11 -13.33
C THR E 137 23.75 -14.53 -12.96
N ARG E 138 24.68 -14.24 -13.85
CA ARG E 138 26.08 -14.56 -13.62
C ARG E 138 26.58 -13.78 -12.41
N MET E 139 25.98 -12.63 -12.18
CA MET E 139 26.35 -11.76 -11.07
C MET E 139 25.41 -11.90 -9.87
N ALA E 140 24.56 -12.91 -9.91
CA ALA E 140 23.63 -13.15 -8.81
C ALA E 140 24.38 -13.31 -7.49
N GLY E 141 24.01 -12.53 -6.48
CA GLY E 141 24.66 -12.63 -5.19
C GLY E 141 26.04 -12.00 -5.04
N LYS E 142 26.47 -11.24 -6.05
CA LYS E 142 27.80 -10.63 -5.99
C LYS E 142 27.85 -9.33 -5.19
N GLY E 143 26.72 -8.89 -4.67
CA GLY E 143 26.68 -7.67 -3.90
C GLY E 143 27.08 -6.46 -4.71
N LEU E 144 26.40 -6.25 -5.84
CA LEU E 144 26.70 -5.11 -6.71
C LEU E 144 25.94 -3.87 -6.24
N ARG E 145 26.53 -2.70 -6.49
CA ARG E 145 25.91 -1.46 -6.09
C ARG E 145 25.87 -0.50 -7.27
N GLN E 146 25.01 0.50 -7.15
CA GLN E 146 24.90 1.51 -8.18
C GLN E 146 25.08 2.80 -7.41
N GLY E 147 26.19 3.49 -7.68
CA GLY E 147 26.51 4.72 -6.98
C GLY E 147 27.89 4.58 -6.39
N PHE E 148 27.96 4.16 -5.13
CA PHE E 148 29.25 3.95 -4.48
C PHE E 148 29.71 2.55 -4.87
N GLU E 149 30.99 2.28 -4.64
CA GLU E 149 31.59 1.00 -4.97
C GLU E 149 30.75 -0.20 -4.56
N ASP E 150 30.92 -1.30 -5.27
CA ASP E 150 30.17 -2.51 -4.97
C ASP E 150 30.60 -2.97 -3.60
N ALA E 151 29.75 -3.75 -2.93
CA ALA E 151 30.04 -4.27 -1.62
C ALA E 151 30.73 -5.63 -1.80
N GLY E 152 30.26 -6.39 -2.77
CA GLY E 152 30.84 -7.69 -3.03
C GLY E 152 30.20 -8.76 -2.16
N PRO E 153 30.35 -10.04 -2.51
CA PRO E 153 29.75 -11.08 -1.69
C PRO E 153 30.41 -11.13 -0.31
#